data_5BRN
#
_entry.id   5BRN
#
_cell.length_a   64.530
_cell.length_b   94.310
_cell.length_c   139.270
_cell.angle_alpha   90.00
_cell.angle_beta   90.00
_cell.angle_gamma   90.00
#
_symmetry.space_group_name_H-M   'P 21 21 21'
#
loop_
_entity.id
_entity.type
_entity.pdbx_description
1 polymer 'Hypoxanthine-guanine phosphoribosyltransferase'
2 non-polymer 'MAGNESIUM ION'
3 non-polymer '(2-{[(2S)-1-hydroxy-3-(6-oxo-1,6-dihydro-9H-purin-9-yl)propan-2-yl]oxy}ethyl)phosphonic acid'
4 water water
#
_entity_poly.entity_id   1
_entity_poly.type   'polypeptide(L)'
_entity_poly.pdbx_seq_one_letter_code
;MATRSPGVVISDDEPGYDLDLFAIPNHYAEDLERVFIPHGLIMDRTERLARDVMKEMGGHHIVALCVLKGGYKFFADLLD
YIKALNRNSDRSIPMTVDFIRLKSYANDQSTGDIKVIGGDDLSTLTGKNVLIVEDIIDTGKTMQTLLSLVRQYNPKMVKV
ASLLVKRTPRSVGYKPDFVGFEIPDKFVVGYALDYNEYFRDLNHVAVISETGKAKYKA
;
_entity_poly.pdbx_strand_id   A,B,C,D
#
loop_
_chem_comp.id
_chem_comp.type
_chem_comp.name
_chem_comp.formula
4X2 non-polymer '(2-{[(2S)-1-hydroxy-3-(6-oxo-1,6-dihydro-9H-purin-9-yl)propan-2-yl]oxy}ethyl)phosphonic acid' 'C10 H15 N4 O6 P'
MG non-polymer 'MAGNESIUM ION' 'Mg 2'
#
# COMPACT_ATOMS: atom_id res chain seq x y z
N SER A 5 -2.64 20.06 -18.50
CA SER A 5 -2.75 18.61 -18.56
C SER A 5 -4.20 18.16 -18.63
N PRO A 6 -4.59 17.55 -19.75
CA PRO A 6 -5.92 16.98 -19.93
C PRO A 6 -6.06 15.62 -19.25
N GLY A 7 -4.99 15.16 -18.62
CA GLY A 7 -4.99 13.88 -17.93
C GLY A 7 -4.57 12.75 -18.83
N VAL A 8 -4.62 11.52 -18.32
CA VAL A 8 -4.33 10.35 -19.13
C VAL A 8 -5.42 10.17 -20.19
N VAL A 9 -5.05 10.36 -21.44
CA VAL A 9 -6.00 10.26 -22.54
C VAL A 9 -6.24 8.81 -22.93
N ILE A 10 -7.41 8.29 -22.57
CA ILE A 10 -7.79 6.93 -22.94
C ILE A 10 -8.54 6.93 -24.26
N SER A 11 -7.98 6.25 -25.26
CA SER A 11 -8.46 6.32 -26.63
C SER A 11 -9.87 5.78 -26.80
N ASP A 12 -10.51 6.15 -27.91
CA ASP A 12 -11.86 5.70 -28.23
C ASP A 12 -11.90 4.21 -28.48
N ASP A 13 -10.79 3.65 -28.96
CA ASP A 13 -10.73 2.23 -29.31
C ASP A 13 -10.07 1.40 -28.21
N GLU A 14 -9.96 1.97 -27.01
CA GLU A 14 -9.41 1.23 -25.88
C GLU A 14 -10.30 0.04 -25.52
N PRO A 15 -9.75 -1.18 -25.65
CA PRO A 15 -10.50 -2.41 -25.44
C PRO A 15 -10.70 -2.75 -23.97
N GLY A 16 -9.83 -2.23 -23.11
CA GLY A 16 -9.85 -2.59 -21.71
C GLY A 16 -9.08 -3.88 -21.48
N TYR A 17 -9.31 -4.51 -20.35
CA TYR A 17 -8.60 -5.75 -20.02
C TYR A 17 -9.57 -6.90 -19.73
N ASP A 18 -9.13 -8.11 -20.03
CA ASP A 18 -9.92 -9.31 -19.74
C ASP A 18 -9.97 -9.54 -18.22
N LEU A 19 -11.16 -9.85 -17.73
CA LEU A 19 -11.39 -10.01 -16.29
C LEU A 19 -10.51 -11.08 -15.66
N ASP A 20 -10.24 -12.14 -16.43
CA ASP A 20 -9.46 -13.28 -15.93
C ASP A 20 -8.02 -12.89 -15.56
N LEU A 21 -7.57 -11.75 -16.07
CA LEU A 21 -6.20 -11.30 -15.85
C LEU A 21 -6.04 -10.59 -14.51
N PHE A 22 -7.16 -10.27 -13.87
CA PHE A 22 -7.13 -9.53 -12.62
C PHE A 22 -7.97 -10.19 -11.54
N ALA A 23 -7.84 -9.68 -10.32
CA ALA A 23 -8.68 -10.12 -9.21
C ALA A 23 -9.95 -9.27 -9.16
N ILE A 24 -11.09 -9.90 -9.40
CA ILE A 24 -12.37 -9.22 -9.27
C ILE A 24 -13.31 -10.06 -8.39
N PRO A 25 -14.21 -9.40 -7.65
CA PRO A 25 -15.13 -10.11 -6.76
C PRO A 25 -16.06 -11.05 -7.53
N ASN A 26 -16.38 -12.19 -6.94
CA ASN A 26 -17.15 -13.21 -7.61
C ASN A 26 -18.60 -12.81 -7.91
N HIS A 27 -19.18 -11.97 -7.04
CA HIS A 27 -20.58 -11.59 -7.23
C HIS A 27 -20.76 -10.64 -8.40
N TYR A 28 -19.66 -10.17 -8.97
CA TYR A 28 -19.70 -9.32 -10.17
C TYR A 28 -19.07 -10.02 -11.38
N ALA A 29 -18.78 -11.30 -11.23
CA ALA A 29 -18.04 -12.06 -12.25
C ALA A 29 -18.70 -12.07 -13.61
N GLU A 30 -20.03 -11.98 -13.64
CA GLU A 30 -20.77 -12.00 -14.89
C GLU A 30 -21.46 -10.68 -15.18
N ASP A 31 -21.35 -9.74 -14.24
CA ASP A 31 -21.96 -8.43 -14.39
C ASP A 31 -21.00 -7.43 -15.05
N LEU A 32 -19.72 -7.79 -15.09
CA LEU A 32 -18.71 -6.96 -15.73
C LEU A 32 -18.30 -7.56 -17.06
N GLU A 33 -17.81 -6.70 -17.96
CA GLU A 33 -17.33 -7.17 -19.25
C GLU A 33 -15.81 -7.07 -19.34
N ARG A 34 -15.29 -5.87 -19.08
CA ARG A 34 -13.85 -5.62 -19.16
C ARG A 34 -13.37 -4.71 -18.04
N VAL A 35 -12.13 -4.90 -17.61
CA VAL A 35 -11.48 -3.93 -16.74
C VAL A 35 -11.05 -2.74 -17.60
N PHE A 36 -11.63 -1.58 -17.34
CA PHE A 36 -11.38 -0.42 -18.19
C PHE A 36 -10.19 0.39 -17.70
N ILE A 37 -10.19 0.74 -16.42
CA ILE A 37 -9.02 1.36 -15.79
C ILE A 37 -8.67 0.59 -14.52
N PRO A 38 -7.53 -0.12 -14.54
CA PRO A 38 -7.05 -0.86 -13.37
C PRO A 38 -6.83 0.03 -12.16
N HIS A 39 -7.11 -0.49 -10.97
CA HIS A 39 -7.02 0.28 -9.73
C HIS A 39 -5.63 0.85 -9.49
N GLY A 40 -4.61 0.09 -9.89
CA GLY A 40 -3.24 0.51 -9.71
C GLY A 40 -2.87 1.70 -10.57
N LEU A 41 -3.42 1.74 -11.78
CA LEU A 41 -3.19 2.85 -12.70
C LEU A 41 -3.82 4.13 -12.13
N ILE A 42 -4.96 3.97 -11.47
CA ILE A 42 -5.64 5.09 -10.83
C ILE A 42 -4.77 5.68 -9.73
N MET A 43 -4.18 4.79 -8.92
CA MET A 43 -3.28 5.22 -7.85
C MET A 43 -2.08 6.00 -8.39
N ASP A 44 -1.46 5.47 -9.44
CA ASP A 44 -0.30 6.10 -10.06
C ASP A 44 -0.60 7.51 -10.55
N ARG A 45 -1.74 7.66 -11.23
CA ARG A 45 -2.15 8.96 -11.74
C ARG A 45 -2.52 9.90 -10.59
N THR A 46 -3.10 9.33 -9.53
CA THR A 46 -3.53 10.10 -8.37
C THR A 46 -2.33 10.64 -7.59
N GLU A 47 -1.27 9.84 -7.51
CA GLU A 47 -0.05 10.27 -6.84
C GLU A 47 0.52 11.51 -7.55
N ARG A 48 0.41 11.53 -8.87
CA ARG A 48 0.90 12.64 -9.67
C ARG A 48 -0.02 13.86 -9.54
N LEU A 49 -1.32 13.61 -9.45
CA LEU A 49 -2.30 14.69 -9.29
C LEU A 49 -2.11 15.38 -7.95
N ALA A 50 -1.69 14.61 -6.95
CA ALA A 50 -1.44 15.15 -5.62
C ALA A 50 -0.29 16.15 -5.64
N ARG A 51 0.74 15.86 -6.42
CA ARG A 51 1.87 16.78 -6.55
C ARG A 51 1.46 18.05 -7.27
N ASP A 52 0.58 17.92 -8.26
CA ASP A 52 0.08 19.08 -8.99
C ASP A 52 -0.77 19.97 -8.08
N VAL A 53 -1.63 19.35 -7.28
CA VAL A 53 -2.45 20.07 -6.33
C VAL A 53 -1.56 20.82 -5.33
N MET A 54 -0.49 20.17 -4.90
CA MET A 54 0.44 20.76 -3.94
C MET A 54 1.23 21.92 -4.54
N LYS A 55 1.34 21.96 -5.86
CA LYS A 55 2.09 23.03 -6.51
C LYS A 55 1.22 24.24 -6.82
N GLU A 56 -0.10 24.06 -6.83
CA GLU A 56 -1.01 25.14 -7.15
C GLU A 56 -1.73 25.71 -5.92
N MET A 57 -1.88 24.88 -4.89
CA MET A 57 -2.71 25.24 -3.75
C MET A 57 -2.00 25.16 -2.41
N GLY A 58 -0.78 24.63 -2.41
CA GLY A 58 -0.04 24.37 -1.18
C GLY A 58 0.46 25.62 -0.46
N GLY A 59 0.13 26.79 -0.99
CA GLY A 59 0.59 28.04 -0.43
C GLY A 59 -0.36 28.65 0.59
N HIS A 60 -1.49 27.99 0.81
CA HIS A 60 -2.47 28.46 1.78
C HIS A 60 -3.36 27.31 2.25
N HIS A 61 -3.99 27.49 3.41
CA HIS A 61 -4.85 26.48 4.01
C HIS A 61 -5.88 25.92 3.03
N ILE A 62 -5.91 24.59 2.91
CA ILE A 62 -6.78 23.92 1.96
C ILE A 62 -7.96 23.25 2.65
N VAL A 63 -9.15 23.48 2.11
CA VAL A 63 -10.32 22.70 2.51
C VAL A 63 -10.72 21.75 1.37
N ALA A 64 -10.48 20.46 1.56
CA ALA A 64 -10.85 19.47 0.57
C ALA A 64 -12.33 19.13 0.74
N LEU A 65 -13.10 19.37 -0.31
CA LEU A 65 -14.53 19.10 -0.29
C LEU A 65 -14.85 17.86 -1.11
N CYS A 66 -15.26 16.80 -0.42
CA CYS A 66 -15.61 15.55 -1.09
C CYS A 66 -17.05 15.58 -1.61
N VAL A 67 -17.23 15.12 -2.84
CA VAL A 67 -18.57 14.98 -3.40
C VAL A 67 -19.00 13.52 -3.30
N LEU A 68 -19.85 13.23 -2.33
CA LEU A 68 -20.35 11.88 -2.09
C LEU A 68 -21.44 11.53 -3.11
N LYS A 69 -21.63 10.23 -3.39
CA LYS A 69 -20.84 9.14 -2.81
C LYS A 69 -19.69 8.76 -3.73
N GLY A 70 -19.84 9.04 -5.01
CA GLY A 70 -18.92 8.58 -6.02
C GLY A 70 -17.47 9.00 -5.84
N GLY A 71 -17.26 10.16 -5.26
CA GLY A 71 -15.92 10.72 -5.15
C GLY A 71 -15.14 10.32 -3.92
N TYR A 72 -15.77 9.61 -2.98
CA TYR A 72 -15.17 9.37 -1.67
C TYR A 72 -13.89 8.53 -1.73
N LYS A 73 -13.79 7.64 -2.71
CA LYS A 73 -12.59 6.82 -2.84
C LYS A 73 -11.42 7.64 -3.39
N PHE A 74 -11.66 8.32 -4.51
CA PHE A 74 -10.68 9.21 -5.10
C PHE A 74 -10.25 10.27 -4.09
N PHE A 75 -11.22 10.76 -3.33
CA PHE A 75 -11.00 11.73 -2.26
C PHE A 75 -10.04 11.21 -1.20
N ALA A 76 -10.33 10.02 -0.68
CA ALA A 76 -9.52 9.42 0.37
C ALA A 76 -8.09 9.16 -0.11
N ASP A 77 -7.96 8.58 -1.29
CA ASP A 77 -6.66 8.24 -1.84
C ASP A 77 -5.85 9.47 -2.23
N LEU A 78 -6.53 10.50 -2.75
CA LEU A 78 -5.85 11.74 -3.11
C LEU A 78 -5.29 12.42 -1.88
N LEU A 79 -6.08 12.46 -0.81
CA LEU A 79 -5.65 13.06 0.44
C LEU A 79 -4.50 12.28 1.08
N ASP A 80 -4.47 10.97 0.86
CA ASP A 80 -3.38 10.14 1.37
C ASP A 80 -2.05 10.54 0.74
N TYR A 81 -2.04 10.66 -0.59
CA TYR A 81 -0.83 11.04 -1.30
C TYR A 81 -0.38 12.46 -0.95
N ILE A 82 -1.35 13.33 -0.66
CA ILE A 82 -1.05 14.69 -0.25
C ILE A 82 -0.44 14.72 1.14
N LYS A 83 -1.00 13.90 2.03
CA LYS A 83 -0.49 13.78 3.39
C LYS A 83 0.90 13.16 3.40
N ALA A 84 1.14 12.23 2.48
CA ALA A 84 2.46 11.60 2.34
C ALA A 84 3.48 12.64 1.88
N LEU A 85 3.06 13.50 0.97
CA LEU A 85 3.90 14.60 0.50
C LEU A 85 4.22 15.59 1.61
N ASN A 86 3.32 15.70 2.57
CA ASN A 86 3.41 16.74 3.60
C ASN A 86 4.17 16.33 4.86
N ARG A 87 4.35 15.03 5.07
CA ARG A 87 5.10 14.55 6.22
C ARG A 87 6.50 14.09 5.81
N ASN A 88 6.89 14.46 4.60
CA ASN A 88 8.21 14.12 4.07
C ASN A 88 8.85 15.31 3.41
N SER A 89 8.10 16.41 3.40
CA SER A 89 8.62 17.70 2.94
C SER A 89 8.60 18.70 4.09
N ASP A 90 9.32 19.80 3.91
CA ASP A 90 9.30 20.90 4.87
C ASP A 90 8.40 22.00 4.35
N ARG A 91 7.95 21.81 3.12
CA ARG A 91 6.88 22.60 2.54
C ARG A 91 5.56 21.86 2.73
N SER A 92 4.70 22.39 3.58
CA SER A 92 3.44 21.72 3.90
C SER A 92 2.36 22.72 4.30
N ILE A 93 1.10 22.30 4.20
CA ILE A 93 -0.02 23.17 4.53
C ILE A 93 -1.15 22.34 5.17
N PRO A 94 -1.76 22.87 6.24
CA PRO A 94 -2.84 22.16 6.93
C PRO A 94 -4.10 21.97 6.07
N MET A 95 -4.81 20.88 6.29
CA MET A 95 -6.03 20.58 5.53
C MET A 95 -7.20 20.20 6.43
N THR A 96 -8.33 20.86 6.22
CA THR A 96 -9.59 20.45 6.82
C THR A 96 -10.44 19.82 5.73
N VAL A 97 -11.47 19.06 6.11
CA VAL A 97 -12.30 18.37 5.13
C VAL A 97 -13.79 18.58 5.36
N ASP A 98 -14.55 18.51 4.27
CA ASP A 98 -16.01 18.60 4.33
C ASP A 98 -16.63 17.72 3.26
N PHE A 99 -17.92 17.45 3.39
CA PHE A 99 -18.61 16.54 2.47
C PHE A 99 -19.92 17.14 1.97
N ILE A 100 -20.24 16.88 0.71
CA ILE A 100 -21.48 17.37 0.13
C ILE A 100 -22.05 16.38 -0.91
N ARG A 101 -23.36 16.39 -1.08
CA ARG A 101 -24.02 15.60 -2.11
C ARG A 101 -24.92 16.47 -2.98
N LEU A 102 -25.09 16.07 -4.23
CA LEU A 102 -26.01 16.75 -5.13
C LEU A 102 -27.02 15.78 -5.74
N LEU A 122 -21.70 26.12 6.08
CA LEU A 122 -20.66 25.96 5.07
C LEU A 122 -19.93 27.29 4.86
N SER A 123 -20.01 28.17 5.85
CA SER A 123 -19.33 29.46 5.80
C SER A 123 -17.82 29.31 6.03
N THR A 124 -17.37 28.08 6.22
CA THR A 124 -15.96 27.81 6.51
C THR A 124 -15.06 27.88 5.28
N LEU A 125 -15.66 28.03 4.10
CA LEU A 125 -14.89 28.05 2.86
C LEU A 125 -14.37 29.44 2.53
N THR A 126 -14.86 30.44 3.26
CA THR A 126 -14.50 31.83 3.00
C THR A 126 -13.02 32.09 3.27
N GLY A 127 -12.32 32.61 2.27
CA GLY A 127 -10.91 32.95 2.39
C GLY A 127 -10.00 31.75 2.33
N LYS A 128 -10.56 30.59 2.00
CA LYS A 128 -9.81 29.34 1.94
C LYS A 128 -9.49 28.94 0.51
N ASN A 129 -8.53 28.05 0.35
CA ASN A 129 -8.30 27.39 -0.93
C ASN A 129 -9.13 26.12 -1.01
N VAL A 130 -10.25 26.19 -1.72
CA VAL A 130 -11.19 25.08 -1.76
C VAL A 130 -10.89 24.11 -2.91
N LEU A 131 -10.69 22.84 -2.55
CA LEU A 131 -10.46 21.79 -3.53
C LEU A 131 -11.66 20.85 -3.59
N ILE A 132 -12.38 20.90 -4.71
CA ILE A 132 -13.52 20.01 -4.93
C ILE A 132 -13.06 18.68 -5.53
N VAL A 133 -13.36 17.59 -4.84
CA VAL A 133 -12.95 16.27 -5.30
C VAL A 133 -14.14 15.49 -5.84
N GLU A 134 -14.15 15.25 -7.15
CA GLU A 134 -15.28 14.63 -7.83
C GLU A 134 -14.88 13.35 -8.57
N ASP A 135 -15.82 12.42 -8.70
CA ASP A 135 -15.56 11.17 -9.40
C ASP A 135 -15.60 11.31 -10.92
N ILE A 136 -16.60 11.99 -11.45
CA ILE A 136 -16.77 12.06 -12.90
C ILE A 136 -17.51 13.31 -13.38
N ILE A 137 -17.00 13.90 -14.45
CA ILE A 137 -17.64 15.03 -15.11
C ILE A 137 -18.13 14.64 -16.50
N ASP A 138 -19.42 14.81 -16.75
CA ASP A 138 -20.02 14.43 -18.01
C ASP A 138 -20.54 15.65 -18.77
N THR A 139 -21.75 16.08 -18.43
CA THR A 139 -22.33 17.26 -19.04
C THR A 139 -21.74 18.53 -18.43
N GLY A 140 -21.19 18.39 -17.22
CA GLY A 140 -20.58 19.51 -16.53
C GLY A 140 -21.55 20.26 -15.64
N LYS A 141 -22.82 19.88 -15.73
CA LYS A 141 -23.89 20.57 -14.99
C LYS A 141 -23.71 20.47 -13.47
N THR A 142 -23.29 19.30 -13.00
CA THR A 142 -23.12 19.08 -11.57
C THR A 142 -22.09 20.03 -10.97
N MET A 143 -20.95 20.15 -11.63
CA MET A 143 -19.85 20.93 -11.09
C MET A 143 -20.10 22.44 -11.14
N GLN A 144 -20.66 22.92 -12.25
CA GLN A 144 -20.92 24.35 -12.40
C GLN A 144 -22.03 24.79 -11.44
N THR A 145 -22.92 23.86 -11.09
CA THR A 145 -23.89 24.10 -10.04
C THR A 145 -23.16 24.19 -8.70
N LEU A 146 -22.28 23.22 -8.46
CA LEU A 146 -21.50 23.14 -7.24
C LEU A 146 -20.58 24.36 -7.10
N LEU A 147 -19.92 24.74 -8.19
CA LEU A 147 -19.02 25.88 -8.19
C LEU A 147 -19.75 27.19 -7.92
N SER A 148 -20.90 27.38 -8.55
CA SER A 148 -21.69 28.59 -8.38
C SER A 148 -22.15 28.76 -6.94
N LEU A 149 -22.42 27.64 -6.27
CA LEU A 149 -22.81 27.65 -4.88
C LEU A 149 -21.63 28.02 -3.98
N VAL A 150 -20.47 27.42 -4.27
CA VAL A 150 -19.26 27.65 -3.48
C VAL A 150 -18.78 29.10 -3.57
N ARG A 151 -18.79 29.65 -4.78
CA ARG A 151 -18.28 31.00 -5.02
C ARG A 151 -19.04 32.07 -4.26
N GLN A 152 -20.27 31.76 -3.87
CA GLN A 152 -21.08 32.68 -3.08
C GLN A 152 -20.43 32.98 -1.73
N TYR A 153 -19.77 31.97 -1.17
CA TYR A 153 -19.16 32.09 0.14
C TYR A 153 -17.72 32.60 0.07
N ASN A 154 -17.34 33.10 -1.11
CA ASN A 154 -16.07 33.80 -1.32
C ASN A 154 -14.83 33.13 -0.75
N PRO A 155 -14.37 32.04 -1.40
CA PRO A 155 -13.09 31.44 -1.04
C PRO A 155 -11.93 32.17 -1.72
N LYS A 156 -10.70 31.88 -1.34
CA LYS A 156 -9.55 32.51 -1.97
C LYS A 156 -9.36 31.93 -3.38
N MET A 157 -9.62 30.62 -3.52
CA MET A 157 -9.60 29.97 -4.82
C MET A 157 -10.43 28.70 -4.80
N VAL A 158 -11.00 28.34 -5.95
CA VAL A 158 -11.69 27.07 -6.10
C VAL A 158 -11.06 26.26 -7.22
N LYS A 159 -10.58 25.06 -6.89
CA LYS A 159 -10.07 24.15 -7.88
C LYS A 159 -10.85 22.85 -7.84
N VAL A 160 -11.05 22.24 -9.00
CA VAL A 160 -11.80 20.99 -9.07
C VAL A 160 -10.94 19.85 -9.59
N ALA A 161 -10.79 18.82 -8.76
CA ALA A 161 -10.13 17.60 -9.18
C ALA A 161 -11.18 16.56 -9.54
N SER A 162 -11.15 16.12 -10.79
CA SER A 162 -12.09 15.11 -11.25
C SER A 162 -11.36 13.90 -11.81
N LEU A 163 -11.64 12.72 -11.26
CA LEU A 163 -10.98 11.49 -11.68
C LEU A 163 -11.23 11.20 -13.15
N LEU A 164 -12.48 11.37 -13.59
CA LEU A 164 -12.83 11.10 -14.97
C LEU A 164 -13.50 12.31 -15.63
N VAL A 165 -13.08 12.59 -16.86
CA VAL A 165 -13.77 13.59 -17.68
C VAL A 165 -14.08 12.96 -19.04
N LYS A 166 -15.36 12.97 -19.41
CA LYS A 166 -15.78 12.33 -20.65
C LYS A 166 -15.69 13.28 -21.84
N ARG A 167 -15.35 12.72 -23.00
CA ARG A 167 -15.49 13.44 -24.26
C ARG A 167 -16.91 13.23 -24.76
N THR A 168 -17.73 14.28 -24.65
CA THR A 168 -19.13 14.18 -25.03
C THR A 168 -19.66 15.49 -25.60
N PRO A 169 -20.53 15.39 -26.62
CA PRO A 169 -21.19 16.56 -27.20
C PRO A 169 -22.23 17.18 -26.26
N ARG A 170 -22.57 16.44 -25.20
CA ARG A 170 -23.53 16.92 -24.21
C ARG A 170 -22.86 17.88 -23.22
N SER A 171 -21.56 18.02 -23.34
CA SER A 171 -20.79 18.89 -22.44
C SER A 171 -21.12 20.36 -22.68
N VAL A 172 -21.29 21.10 -21.59
CA VAL A 172 -21.58 22.53 -21.68
C VAL A 172 -20.29 23.31 -21.90
N GLY A 173 -19.15 22.64 -21.78
CA GLY A 173 -17.87 23.25 -22.05
C GLY A 173 -16.99 23.41 -20.83
N TYR A 174 -17.39 22.83 -19.70
CA TYR A 174 -16.60 22.96 -18.49
C TYR A 174 -15.47 21.94 -18.42
N LYS A 175 -14.30 22.40 -18.00
CA LYS A 175 -13.15 21.54 -17.74
C LYS A 175 -12.60 21.79 -16.34
N PRO A 176 -12.34 20.72 -15.59
CA PRO A 176 -11.78 20.84 -14.24
C PRO A 176 -10.30 21.21 -14.26
N ASP A 177 -9.77 21.60 -13.12
CA ASP A 177 -8.38 22.02 -13.01
C ASP A 177 -7.44 20.82 -12.95
N PHE A 178 -7.89 19.75 -12.32
CA PHE A 178 -7.11 18.53 -12.21
C PHE A 178 -7.89 17.35 -12.76
N VAL A 179 -7.28 16.60 -13.66
CA VAL A 179 -7.93 15.47 -14.31
C VAL A 179 -7.11 14.20 -14.16
N GLY A 180 -7.76 13.12 -13.73
CA GLY A 180 -7.12 11.82 -13.69
C GLY A 180 -7.08 11.22 -15.08
N PHE A 181 -8.25 10.85 -15.59
CA PHE A 181 -8.35 10.21 -16.89
C PHE A 181 -9.41 10.89 -17.76
N GLU A 182 -9.06 11.17 -19.00
CA GLU A 182 -10.04 11.63 -19.98
C GLU A 182 -10.49 10.46 -20.83
N ILE A 183 -11.80 10.21 -20.84
CA ILE A 183 -12.33 8.98 -21.44
C ILE A 183 -13.38 9.26 -22.51
N PRO A 184 -13.61 8.28 -23.41
CA PRO A 184 -14.73 8.40 -24.36
C PRO A 184 -16.08 8.32 -23.65
N ASP A 185 -17.13 8.76 -24.32
CA ASP A 185 -18.46 8.73 -23.73
C ASP A 185 -18.96 7.29 -23.62
N LYS A 186 -18.58 6.63 -22.54
CA LYS A 186 -19.02 5.26 -22.25
C LYS A 186 -19.31 5.11 -20.77
N PHE A 187 -20.35 4.37 -20.43
CA PHE A 187 -20.75 4.21 -19.04
C PHE A 187 -19.81 3.26 -18.30
N VAL A 188 -19.22 3.75 -17.22
CA VAL A 188 -18.26 2.96 -16.45
C VAL A 188 -18.66 2.87 -14.98
N VAL A 189 -18.19 1.82 -14.32
CA VAL A 189 -18.46 1.63 -12.89
C VAL A 189 -17.19 1.27 -12.14
N GLY A 190 -17.27 1.23 -10.82
CA GLY A 190 -16.14 0.86 -10.00
C GLY A 190 -15.41 2.05 -9.41
N TYR A 191 -14.53 1.79 -8.44
CA TYR A 191 -13.83 2.83 -7.69
C TYR A 191 -14.83 3.84 -7.16
N ALA A 192 -15.86 3.32 -6.50
CA ALA A 192 -16.96 4.07 -5.87
C ALA A 192 -18.02 4.59 -6.85
N LEU A 193 -17.70 4.62 -8.15
CA LEU A 193 -18.71 4.97 -9.14
C LEU A 193 -19.76 3.87 -9.21
N ASP A 194 -21.03 4.25 -9.29
CA ASP A 194 -22.11 3.29 -9.15
C ASP A 194 -22.93 3.06 -10.41
N TYR A 195 -23.61 1.91 -10.43
CA TYR A 195 -24.71 1.65 -11.33
C TYR A 195 -25.91 1.28 -10.48
N ASN A 196 -26.76 2.26 -10.20
CA ASN A 196 -27.87 2.11 -9.27
C ASN A 196 -27.37 1.59 -7.92
N GLU A 197 -26.37 2.29 -7.38
CA GLU A 197 -25.77 2.02 -6.07
C GLU A 197 -24.90 0.77 -6.01
N TYR A 198 -24.85 0.01 -7.09
CA TYR A 198 -23.99 -1.17 -7.12
C TYR A 198 -22.64 -0.85 -7.77
N PHE A 199 -21.70 -1.79 -7.62
CA PHE A 199 -20.34 -1.68 -8.15
C PHE A 199 -19.47 -0.62 -7.45
N ARG A 200 -19.93 -0.10 -6.31
CA ARG A 200 -19.07 0.79 -5.53
C ARG A 200 -17.99 -0.02 -4.83
N ASP A 201 -18.35 -1.23 -4.42
CA ASP A 201 -17.41 -2.15 -3.79
C ASP A 201 -16.51 -2.81 -4.82
N LEU A 202 -15.88 -1.99 -5.67
CA LEU A 202 -15.03 -2.48 -6.74
C LEU A 202 -13.82 -1.55 -6.89
N ASN A 203 -12.62 -2.12 -6.82
CA ASN A 203 -11.41 -1.31 -6.84
C ASN A 203 -11.06 -0.77 -8.22
N HIS A 204 -11.26 -1.58 -9.26
CA HIS A 204 -11.01 -1.15 -10.62
C HIS A 204 -12.15 -0.28 -11.14
N VAL A 205 -11.89 0.46 -12.21
CA VAL A 205 -12.95 1.04 -13.00
C VAL A 205 -13.23 0.10 -14.16
N ALA A 206 -14.50 -0.26 -14.35
CA ALA A 206 -14.84 -1.27 -15.34
C ALA A 206 -16.09 -0.93 -16.12
N VAL A 207 -16.36 -1.72 -17.16
CA VAL A 207 -17.56 -1.58 -17.97
C VAL A 207 -18.46 -2.79 -17.72
N ILE A 208 -19.77 -2.53 -17.62
CA ILE A 208 -20.73 -3.58 -17.28
C ILE A 208 -21.12 -4.42 -18.49
N SER A 209 -21.36 -5.71 -18.26
CA SER A 209 -21.83 -6.60 -19.30
C SER A 209 -23.32 -6.37 -19.56
N GLU A 210 -23.86 -7.02 -20.58
CA GLU A 210 -25.28 -6.92 -20.87
C GLU A 210 -26.10 -7.60 -19.77
N THR A 211 -25.51 -8.60 -19.14
CA THR A 211 -26.14 -9.27 -18.01
C THR A 211 -26.23 -8.35 -16.80
N GLY A 212 -25.13 -7.66 -16.51
CA GLY A 212 -25.05 -6.78 -15.35
C GLY A 212 -26.02 -5.63 -15.38
N LYS A 213 -26.10 -4.95 -16.51
CA LYS A 213 -27.02 -3.82 -16.68
C LYS A 213 -28.45 -4.24 -16.40
N ALA A 214 -28.87 -5.37 -16.97
CA ALA A 214 -30.22 -5.89 -16.78
C ALA A 214 -30.46 -6.27 -15.33
N LYS A 215 -29.46 -6.87 -14.70
CA LYS A 215 -29.59 -7.38 -13.34
C LYS A 215 -29.86 -6.30 -12.32
N TYR A 216 -29.25 -5.13 -12.50
CA TYR A 216 -29.35 -4.06 -11.52
C TYR A 216 -30.09 -2.82 -12.03
N LYS A 217 -30.80 -2.95 -13.15
CA LYS A 217 -31.61 -1.85 -13.64
C LYS A 217 -32.95 -1.79 -12.92
N SER B 5 19.82 8.49 17.23
CA SER B 5 18.63 7.76 17.64
C SER B 5 18.93 6.30 17.93
N PRO B 6 18.50 5.81 19.09
CA PRO B 6 18.59 4.39 19.41
C PRO B 6 17.43 3.61 18.79
N GLY B 7 16.62 4.31 18.00
CA GLY B 7 15.45 3.72 17.38
C GLY B 7 14.28 3.67 18.33
N VAL B 8 13.22 2.96 17.93
CA VAL B 8 12.08 2.76 18.81
C VAL B 8 12.43 1.75 19.89
N VAL B 9 12.48 2.22 21.14
CA VAL B 9 12.88 1.38 22.25
C VAL B 9 11.76 0.41 22.65
N ILE B 10 12.04 -0.89 22.54
CA ILE B 10 11.11 -1.91 22.97
C ILE B 10 11.60 -2.55 24.26
N SER B 11 10.94 -2.23 25.36
CA SER B 11 11.35 -2.71 26.68
C SER B 11 11.09 -4.20 26.84
N ASP B 12 11.71 -4.81 27.84
CA ASP B 12 11.62 -6.24 28.05
C ASP B 12 10.34 -6.64 28.77
N ASP B 13 9.60 -5.66 29.27
CA ASP B 13 8.35 -5.93 29.97
C ASP B 13 7.16 -5.90 29.02
N GLU B 14 7.41 -5.46 27.79
CA GLU B 14 6.36 -5.40 26.77
C GLU B 14 5.89 -6.79 26.38
N PRO B 15 4.59 -7.05 26.57
CA PRO B 15 3.98 -8.36 26.31
C PRO B 15 3.66 -8.59 24.82
N GLY B 16 3.68 -7.53 24.03
CA GLY B 16 3.34 -7.64 22.63
C GLY B 16 1.83 -7.65 22.43
N TYR B 17 1.36 -8.40 21.43
CA TYR B 17 -0.06 -8.42 21.10
C TYR B 17 -0.57 -9.85 20.93
N ASP B 18 -1.86 -10.04 21.24
CA ASP B 18 -2.48 -11.35 21.06
C ASP B 18 -2.65 -11.67 19.58
N LEU B 19 -2.42 -12.94 19.24
CA LEU B 19 -2.48 -13.38 17.85
C LEU B 19 -3.89 -13.28 17.25
N ASP B 20 -4.89 -13.39 18.10
CA ASP B 20 -6.29 -13.33 17.66
C ASP B 20 -6.69 -11.92 17.24
N LEU B 21 -5.84 -10.95 17.54
CA LEU B 21 -6.14 -9.55 17.24
C LEU B 21 -5.59 -9.12 15.87
N PHE B 22 -4.75 -9.96 15.27
CA PHE B 22 -4.13 -9.65 14.00
C PHE B 22 -4.27 -10.79 13.00
N ALA B 23 -3.98 -10.51 11.74
CA ALA B 23 -4.04 -11.52 10.69
C ALA B 23 -2.74 -12.32 10.64
N ILE B 24 -2.85 -13.62 10.87
CA ILE B 24 -1.69 -14.51 10.89
C ILE B 24 -1.92 -15.68 9.93
N PRO B 25 -0.89 -16.07 9.16
CA PRO B 25 -0.99 -17.27 8.33
C PRO B 25 -1.36 -18.51 9.14
N ASN B 26 -2.29 -19.31 8.63
CA ASN B 26 -2.82 -20.45 9.37
C ASN B 26 -1.79 -21.55 9.66
N HIS B 27 -0.69 -21.56 8.92
CA HIS B 27 0.31 -22.61 9.11
C HIS B 27 1.31 -22.25 10.21
N TYR B 28 1.13 -21.07 10.80
CA TYR B 28 1.94 -20.64 11.95
C TYR B 28 1.05 -20.30 13.14
N ALA B 29 -0.20 -20.74 13.09
CA ALA B 29 -1.20 -20.40 14.10
C ALA B 29 -0.78 -20.80 15.51
N GLU B 30 -0.31 -22.03 15.67
CA GLU B 30 0.14 -22.49 16.98
C GLU B 30 1.66 -22.54 17.04
N ASP B 31 2.30 -22.05 15.99
CA ASP B 31 3.76 -21.97 15.95
C ASP B 31 4.25 -20.66 16.54
N LEU B 32 3.35 -19.68 16.63
CA LEU B 32 3.68 -18.40 17.22
C LEU B 32 2.98 -18.23 18.56
N GLU B 33 3.51 -17.35 19.40
CA GLU B 33 2.92 -17.08 20.70
C GLU B 33 2.36 -15.67 20.76
N ARG B 34 3.21 -14.69 20.44
CA ARG B 34 2.81 -13.28 20.50
C ARG B 34 3.38 -12.49 19.31
N VAL B 35 2.57 -11.59 18.77
CA VAL B 35 3.08 -10.60 17.82
C VAL B 35 3.93 -9.61 18.59
N PHE B 36 5.14 -9.35 18.12
CA PHE B 36 6.06 -8.47 18.83
C PHE B 36 6.08 -7.08 18.20
N ILE B 37 6.26 -7.02 16.88
CA ILE B 37 6.23 -5.75 16.15
C ILE B 37 5.37 -5.88 14.89
N PRO B 38 4.18 -5.26 14.90
CA PRO B 38 3.28 -5.27 13.74
C PRO B 38 3.93 -4.71 12.48
N HIS B 39 3.59 -5.27 11.33
CA HIS B 39 4.18 -4.90 10.05
C HIS B 39 4.06 -3.41 9.76
N GLY B 40 2.91 -2.83 10.08
CA GLY B 40 2.67 -1.43 9.82
C GLY B 40 3.51 -0.49 10.66
N LEU B 41 3.81 -0.91 11.88
CA LEU B 41 4.71 -0.14 12.75
C LEU B 41 6.11 -0.16 12.15
N ILE B 42 6.47 -1.29 11.56
CA ILE B 42 7.75 -1.42 10.88
C ILE B 42 7.81 -0.49 9.68
N MET B 43 6.70 -0.40 8.94
CA MET B 43 6.62 0.51 7.80
C MET B 43 6.70 1.97 8.24
N ASP B 44 5.97 2.31 9.30
CA ASP B 44 5.96 3.67 9.83
C ASP B 44 7.34 4.09 10.33
N ARG B 45 8.04 3.16 10.99
CA ARG B 45 9.39 3.41 11.45
C ARG B 45 10.34 3.52 10.25
N THR B 46 10.19 2.60 9.32
CA THR B 46 11.03 2.56 8.12
C THR B 46 10.90 3.84 7.31
N GLU B 47 9.67 4.35 7.20
CA GLU B 47 9.41 5.60 6.49
C GLU B 47 10.24 6.73 7.08
N ARG B 48 10.36 6.75 8.40
CA ARG B 48 11.14 7.76 9.09
C ARG B 48 12.64 7.57 8.86
N LEU B 49 13.08 6.30 8.90
CA LEU B 49 14.48 5.97 8.65
C LEU B 49 14.95 6.51 7.31
N ALA B 50 14.10 6.34 6.29
CA ALA B 50 14.41 6.75 4.93
C ALA B 50 14.78 8.23 4.84
N ARG B 51 14.09 9.05 5.61
CA ARG B 51 14.34 10.48 5.60
C ARG B 51 15.61 10.80 6.39
N ASP B 52 15.84 10.06 7.47
CA ASP B 52 17.07 10.18 8.23
C ASP B 52 18.26 9.80 7.37
N VAL B 53 18.09 8.75 6.57
CA VAL B 53 19.12 8.30 5.65
C VAL B 53 19.44 9.38 4.61
N MET B 54 18.39 9.90 3.98
CA MET B 54 18.54 10.91 2.94
C MET B 54 19.06 12.23 3.49
N LYS B 55 18.86 12.45 4.79
CA LYS B 55 19.37 13.65 5.44
C LYS B 55 20.87 13.54 5.67
N GLU B 56 21.37 12.31 5.79
CA GLU B 56 22.78 12.07 6.04
C GLU B 56 23.54 11.64 4.80
N MET B 57 22.94 10.74 4.01
CA MET B 57 23.63 10.15 2.87
C MET B 57 23.15 10.73 1.54
N GLY B 58 22.06 11.49 1.58
CA GLY B 58 21.43 11.99 0.36
C GLY B 58 22.17 13.09 -0.37
N GLY B 59 23.41 13.34 0.03
CA GLY B 59 24.21 14.37 -0.61
C GLY B 59 25.14 13.82 -1.68
N HIS B 60 25.02 12.53 -1.96
CA HIS B 60 25.90 11.88 -2.93
C HIS B 60 25.29 10.59 -3.48
N HIS B 61 25.91 10.06 -4.53
CA HIS B 61 25.53 8.78 -5.12
C HIS B 61 25.44 7.69 -4.06
N ILE B 62 24.25 7.11 -3.92
CA ILE B 62 24.00 6.12 -2.88
C ILE B 62 24.00 4.69 -3.43
N VAL B 63 24.79 3.83 -2.80
CA VAL B 63 24.75 2.40 -3.09
C VAL B 63 24.18 1.66 -1.88
N ALA B 64 22.99 1.10 -2.04
CA ALA B 64 22.36 0.34 -0.97
C ALA B 64 22.75 -1.13 -1.06
N LEU B 65 23.41 -1.63 -0.02
CA LEU B 65 23.82 -3.03 0.03
C LEU B 65 22.86 -3.84 0.89
N CYS B 66 22.18 -4.79 0.26
CA CYS B 66 21.23 -5.65 0.97
C CYS B 66 21.90 -6.92 1.47
N VAL B 67 21.79 -7.17 2.77
CA VAL B 67 22.34 -8.38 3.36
C VAL B 67 21.30 -9.49 3.40
N LEU B 68 21.45 -10.45 2.49
CA LEU B 68 20.53 -11.59 2.38
C LEU B 68 20.81 -12.63 3.47
N LYS B 69 19.80 -13.39 3.89
CA LYS B 69 18.43 -13.30 3.36
C LYS B 69 17.54 -12.37 4.17
N GLY B 70 17.79 -12.33 5.48
CA GLY B 70 16.90 -11.69 6.42
C GLY B 70 16.56 -10.23 6.20
N GLY B 71 17.38 -9.54 5.42
CA GLY B 71 17.21 -8.11 5.23
C GLY B 71 16.49 -7.70 3.96
N TYR B 72 16.15 -8.67 3.11
CA TYR B 72 15.64 -8.36 1.77
C TYR B 72 14.32 -7.57 1.79
N LYS B 73 13.45 -7.87 2.76
CA LYS B 73 12.17 -7.18 2.81
C LYS B 73 12.31 -5.83 3.50
N PHE B 74 13.21 -5.76 4.48
CA PHE B 74 13.54 -4.48 5.09
C PHE B 74 14.22 -3.59 4.06
N PHE B 75 15.04 -4.22 3.21
CA PHE B 75 15.73 -3.53 2.14
C PHE B 75 14.76 -2.95 1.12
N ALA B 76 13.81 -3.77 0.69
CA ALA B 76 12.85 -3.38 -0.34
C ALA B 76 11.95 -2.24 0.12
N ASP B 77 11.44 -2.36 1.35
CA ASP B 77 10.55 -1.34 1.90
C ASP B 77 11.30 -0.04 2.17
N LEU B 78 12.50 -0.14 2.73
CA LEU B 78 13.32 1.03 2.99
C LEU B 78 13.67 1.74 1.69
N LEU B 79 13.91 0.96 0.64
CA LEU B 79 14.31 1.53 -0.64
C LEU B 79 13.16 2.26 -1.31
N ASP B 80 11.96 1.71 -1.23
CA ASP B 80 10.79 2.33 -1.82
C ASP B 80 10.54 3.72 -1.21
N TYR B 81 10.72 3.81 0.10
CA TYR B 81 10.58 5.08 0.80
C TYR B 81 11.68 6.05 0.38
N ILE B 82 12.90 5.54 0.24
CA ILE B 82 14.04 6.37 -0.15
C ILE B 82 13.90 6.83 -1.60
N LYS B 83 13.45 5.92 -2.46
CA LYS B 83 13.19 6.26 -3.86
C LYS B 83 12.08 7.30 -3.98
N ALA B 84 11.11 7.22 -3.08
CA ALA B 84 9.99 8.16 -3.07
C ALA B 84 10.46 9.56 -2.68
N LEU B 85 11.29 9.63 -1.64
CA LEU B 85 11.88 10.89 -1.21
C LEU B 85 12.79 11.46 -2.29
N ASN B 86 13.47 10.57 -2.99
CA ASN B 86 14.42 10.96 -4.03
C ASN B 86 13.74 11.71 -5.16
N ARG B 87 12.62 11.17 -5.64
CA ARG B 87 11.90 11.78 -6.75
C ARG B 87 11.03 12.95 -6.31
N ASN B 88 10.86 13.10 -4.99
CA ASN B 88 10.06 14.20 -4.45
C ASN B 88 10.91 15.44 -4.16
N SER B 89 12.22 15.25 -4.03
CA SER B 89 13.11 16.35 -3.71
C SER B 89 13.35 17.25 -4.91
N ASP B 90 12.83 16.84 -6.07
CA ASP B 90 13.06 17.54 -7.33
C ASP B 90 14.56 17.68 -7.61
N ARG B 91 15.30 16.67 -7.18
CA ARG B 91 16.76 16.68 -7.25
C ARG B 91 17.23 15.23 -7.15
N SER B 92 16.78 14.41 -8.08
CA SER B 92 17.00 12.96 -8.01
C SER B 92 18.47 12.60 -8.16
N ILE B 93 19.01 11.97 -7.12
CA ILE B 93 20.40 11.53 -7.12
C ILE B 93 20.49 10.06 -7.49
N PRO B 94 21.62 9.63 -8.09
CA PRO B 94 21.81 8.24 -8.51
C PRO B 94 21.71 7.25 -7.36
N MET B 95 20.81 6.28 -7.48
CA MET B 95 20.62 5.25 -6.47
C MET B 95 20.68 3.86 -7.08
N THR B 96 21.75 3.13 -6.80
CA THR B 96 21.91 1.78 -7.33
C THR B 96 21.96 0.75 -6.20
N VAL B 97 21.59 -0.49 -6.51
CA VAL B 97 21.45 -1.52 -5.49
C VAL B 97 22.40 -2.69 -5.70
N ASP B 98 22.69 -3.41 -4.62
CA ASP B 98 23.54 -4.60 -4.68
C ASP B 98 23.22 -5.56 -3.54
N PHE B 99 23.71 -6.78 -3.63
CA PHE B 99 23.35 -7.83 -2.68
C PHE B 99 24.55 -8.63 -2.20
N ILE B 100 24.55 -8.96 -0.91
CA ILE B 100 25.62 -9.75 -0.31
C ILE B 100 25.02 -10.77 0.66
N ARG B 101 25.74 -11.87 0.89
CA ARG B 101 25.27 -12.91 1.79
C ARG B 101 26.42 -13.47 2.62
N LEU B 102 26.16 -13.70 3.90
CA LEU B 102 27.18 -14.21 4.82
C LEU B 102 26.83 -15.62 5.31
N ASP B 121 32.48 -9.61 -5.96
CA ASP B 121 33.08 -8.42 -6.57
C ASP B 121 32.20 -7.18 -6.37
N LEU B 122 32.47 -6.44 -5.30
CA LEU B 122 31.71 -5.23 -5.02
C LEU B 122 32.55 -3.97 -5.24
N SER B 123 33.32 -3.97 -6.32
CA SER B 123 34.16 -2.83 -6.68
C SER B 123 33.36 -1.57 -6.99
N THR B 124 32.05 -1.72 -7.13
CA THR B 124 31.17 -0.58 -7.38
C THR B 124 30.79 0.14 -6.09
N LEU B 125 31.63 0.03 -5.07
CA LEU B 125 31.40 0.72 -3.80
C LEU B 125 32.40 1.86 -3.62
N THR B 126 33.33 1.98 -4.55
CA THR B 126 34.41 2.97 -4.43
C THR B 126 33.92 4.41 -4.60
N GLY B 127 34.28 5.26 -3.64
CA GLY B 127 34.01 6.68 -3.72
C GLY B 127 32.55 7.07 -3.68
N LYS B 128 31.69 6.13 -3.30
CA LYS B 128 30.26 6.40 -3.22
C LYS B 128 29.76 6.29 -1.78
N ASN B 129 28.50 6.69 -1.56
CA ASN B 129 27.87 6.53 -0.27
C ASN B 129 27.24 5.15 -0.14
N VAL B 130 27.86 4.30 0.67
CA VAL B 130 27.40 2.92 0.84
C VAL B 130 26.48 2.77 2.04
N LEU B 131 25.25 2.35 1.78
CA LEU B 131 24.30 2.04 2.84
C LEU B 131 24.14 0.53 2.98
N ILE B 132 24.58 0.00 4.12
CA ILE B 132 24.39 -1.42 4.41
C ILE B 132 23.07 -1.65 5.10
N VAL B 133 22.26 -2.55 4.55
CA VAL B 133 20.93 -2.82 5.09
C VAL B 133 20.87 -4.23 5.67
N GLU B 134 20.65 -4.31 6.98
CA GLU B 134 20.67 -5.58 7.69
C GLU B 134 19.39 -5.78 8.51
N ASP B 135 19.05 -7.04 8.78
CA ASP B 135 17.84 -7.36 9.53
C ASP B 135 17.99 -7.15 11.04
N ILE B 136 19.06 -7.68 11.63
CA ILE B 136 19.23 -7.62 13.08
C ILE B 136 20.69 -7.69 13.52
N ILE B 137 21.01 -6.96 14.58
CA ILE B 137 22.35 -6.97 15.16
C ILE B 137 22.31 -7.46 16.60
N ASP B 138 23.15 -8.46 16.89
CA ASP B 138 23.22 -9.03 18.23
C ASP B 138 24.62 -8.83 18.81
N THR B 139 25.51 -9.78 18.51
CA THR B 139 26.89 -9.69 18.98
C THR B 139 27.65 -8.61 18.22
N GLY B 140 27.21 -8.32 17.00
CA GLY B 140 27.85 -7.31 16.17
C GLY B 140 28.99 -7.88 15.33
N LYS B 141 29.21 -9.18 15.47
CA LYS B 141 30.28 -9.86 14.74
C LYS B 141 29.97 -9.92 13.24
N THR B 142 28.71 -10.11 12.92
CA THR B 142 28.26 -10.14 11.53
C THR B 142 28.54 -8.81 10.84
N MET B 143 28.26 -7.72 11.55
CA MET B 143 28.41 -6.39 10.98
C MET B 143 29.87 -5.94 10.94
N GLN B 144 30.64 -6.33 11.95
CA GLN B 144 32.07 -6.04 11.98
C GLN B 144 32.76 -6.69 10.79
N THR B 145 32.42 -7.95 10.55
CA THR B 145 32.97 -8.71 9.42
C THR B 145 32.65 -8.03 8.09
N LEU B 146 31.41 -7.58 7.94
CA LEU B 146 30.95 -6.97 6.70
C LEU B 146 31.57 -5.59 6.48
N LEU B 147 31.85 -4.90 7.59
CA LEU B 147 32.40 -3.55 7.51
C LEU B 147 33.87 -3.54 7.10
N SER B 148 34.61 -4.55 7.53
CA SER B 148 36.04 -4.65 7.19
C SER B 148 36.22 -4.96 5.71
N LEU B 149 35.33 -5.80 5.17
CA LEU B 149 35.37 -6.15 3.77
C LEU B 149 35.01 -4.95 2.88
N VAL B 150 33.94 -4.26 3.24
CA VAL B 150 33.46 -3.12 2.47
C VAL B 150 34.45 -1.96 2.48
N ARG B 151 34.92 -1.58 3.67
CA ARG B 151 35.81 -0.44 3.80
C ARG B 151 37.19 -0.72 3.19
N GLN B 152 37.41 -1.95 2.75
CA GLN B 152 38.61 -2.29 2.00
C GLN B 152 38.42 -1.98 0.52
N TYR B 153 37.46 -1.09 0.23
CA TYR B 153 37.18 -0.65 -1.12
C TYR B 153 37.14 0.88 -1.17
N ASN B 154 37.29 1.49 0.01
CA ASN B 154 37.36 2.94 0.16
C ASN B 154 36.17 3.68 -0.46
N PRO B 155 34.99 3.60 0.16
CA PRO B 155 33.87 4.45 -0.25
C PRO B 155 33.97 5.83 0.40
N LYS B 156 33.09 6.75 0.01
CA LYS B 156 33.05 8.06 0.63
C LYS B 156 32.65 7.94 2.10
N MET B 157 31.59 7.17 2.35
CA MET B 157 31.14 6.88 3.70
C MET B 157 30.51 5.51 3.78
N VAL B 158 30.55 4.90 4.96
CA VAL B 158 29.85 3.65 5.21
C VAL B 158 28.84 3.84 6.32
N LYS B 159 27.57 3.59 6.02
CA LYS B 159 26.52 3.68 7.03
C LYS B 159 25.75 2.38 7.10
N VAL B 160 25.31 2.01 8.31
CA VAL B 160 24.61 0.76 8.51
C VAL B 160 23.20 0.99 9.05
N ALA B 161 22.21 0.54 8.30
CA ALA B 161 20.82 0.60 8.72
C ALA B 161 20.35 -0.79 9.13
N SER B 162 20.06 -0.95 10.42
CA SER B 162 19.60 -2.24 10.94
C SER B 162 18.20 -2.11 11.53
N LEU B 163 17.28 -2.94 11.05
CA LEU B 163 15.90 -2.91 11.52
C LEU B 163 15.80 -3.19 13.01
N LEU B 164 16.52 -4.21 13.47
CA LEU B 164 16.48 -4.58 14.87
C LEU B 164 17.87 -4.54 15.51
N VAL B 165 17.93 -4.01 16.72
CA VAL B 165 19.14 -4.07 17.53
C VAL B 165 18.79 -4.62 18.90
N LYS B 166 19.46 -5.68 19.32
CA LYS B 166 19.20 -6.29 20.61
C LYS B 166 19.98 -5.62 21.73
N ARG B 167 19.35 -5.50 22.88
CA ARG B 167 20.06 -5.08 24.09
C ARG B 167 20.79 -6.28 24.66
N ARG B 170 25.73 -5.50 26.40
CA ARG B 170 27.16 -5.20 26.40
C ARG B 170 27.96 -6.23 25.64
N SER B 171 27.89 -6.17 24.31
CA SER B 171 28.63 -7.09 23.45
C SER B 171 29.53 -6.34 22.48
N VAL B 172 30.83 -6.64 22.53
CA VAL B 172 31.83 -6.00 21.68
C VAL B 172 31.80 -4.47 21.81
N GLY B 173 30.78 -3.85 21.24
CA GLY B 173 30.64 -2.41 21.30
C GLY B 173 30.43 -1.76 19.95
N TYR B 174 29.30 -2.06 19.33
CA TYR B 174 28.98 -1.48 18.03
C TYR B 174 27.57 -0.88 17.99
N LYS B 175 27.45 0.28 17.34
CA LYS B 175 26.18 0.98 17.24
C LYS B 175 25.90 1.40 15.80
N PRO B 176 24.80 0.88 15.22
CA PRO B 176 24.40 1.22 13.85
C PRO B 176 24.07 2.69 13.70
N ASP B 177 24.30 3.24 12.51
CA ASP B 177 24.03 4.65 12.25
C ASP B 177 22.53 4.91 12.22
N PHE B 178 21.77 3.93 11.77
CA PHE B 178 20.31 4.02 11.75
C PHE B 178 19.70 2.77 12.37
N VAL B 179 18.83 2.97 13.35
CA VAL B 179 18.19 1.85 14.04
C VAL B 179 16.67 1.98 13.99
N GLY B 180 16.00 0.89 13.64
CA GLY B 180 14.55 0.85 13.65
C GLY B 180 14.01 0.67 15.05
N PHE B 181 14.28 -0.49 15.63
CA PHE B 181 13.79 -0.82 16.97
C PHE B 181 14.89 -1.40 17.84
N GLU B 182 14.96 -0.96 19.09
CA GLU B 182 15.83 -1.58 20.08
C GLU B 182 15.02 -2.63 20.85
N ILE B 183 15.34 -3.90 20.63
CA ILE B 183 14.55 -4.98 21.19
C ILE B 183 15.27 -5.71 22.32
N PRO B 184 14.51 -6.38 23.22
CA PRO B 184 15.08 -7.16 24.31
C PRO B 184 15.94 -8.33 23.84
N ASP B 185 16.52 -9.06 24.80
CA ASP B 185 17.27 -10.26 24.48
C ASP B 185 16.31 -11.43 24.32
N LYS B 186 15.67 -11.49 23.16
CA LYS B 186 14.65 -12.49 22.88
C LYS B 186 14.66 -12.84 21.40
N PHE B 187 14.49 -14.12 21.09
CA PHE B 187 14.52 -14.57 19.70
C PHE B 187 13.20 -14.26 18.99
N VAL B 188 13.28 -13.43 17.95
CA VAL B 188 12.09 -13.04 17.21
C VAL B 188 12.13 -13.54 15.77
N VAL B 189 10.96 -13.69 15.16
CA VAL B 189 10.85 -14.16 13.78
C VAL B 189 9.92 -13.27 12.99
N GLY B 190 9.94 -13.41 11.66
CA GLY B 190 9.06 -12.66 10.79
C GLY B 190 9.74 -11.50 10.09
N TYR B 191 9.04 -10.93 9.12
CA TYR B 191 9.60 -9.85 8.28
C TYR B 191 10.95 -10.26 7.73
N ALA B 192 10.98 -11.47 7.14
CA ALA B 192 12.16 -12.09 6.52
C ALA B 192 13.16 -12.65 7.53
N LEU B 193 13.05 -12.26 8.80
CA LEU B 193 13.87 -12.90 9.84
C LEU B 193 13.37 -14.31 10.08
N ASP B 194 14.28 -15.25 10.32
CA ASP B 194 13.90 -16.66 10.32
C ASP B 194 14.23 -17.42 11.60
N TYR B 195 13.67 -18.62 11.67
CA TYR B 195 14.08 -19.64 12.62
C TYR B 195 14.26 -20.94 11.86
N ASN B 196 15.51 -21.30 11.59
CA ASN B 196 15.84 -22.42 10.72
C ASN B 196 15.21 -22.26 9.33
N GLU B 197 15.37 -21.07 8.76
CA GLU B 197 14.86 -20.71 7.43
C GLU B 197 13.33 -20.62 7.37
N TYR B 198 12.66 -20.83 8.50
CA TYR B 198 11.21 -20.73 8.54
C TYR B 198 10.76 -19.41 9.16
N PHE B 199 9.47 -19.13 9.05
CA PHE B 199 8.84 -17.89 9.51
C PHE B 199 9.27 -16.65 8.71
N ARG B 200 10.00 -16.85 7.62
CA ARG B 200 10.37 -15.72 6.76
C ARG B 200 9.15 -15.16 6.05
N ASP B 201 8.24 -16.05 5.65
CA ASP B 201 7.01 -15.66 4.97
C ASP B 201 5.98 -15.09 5.96
N LEU B 202 6.45 -14.20 6.83
CA LEU B 202 5.61 -13.58 7.83
C LEU B 202 5.85 -12.07 7.83
N ASN B 203 4.78 -11.29 7.84
CA ASN B 203 4.91 -9.84 7.76
C ASN B 203 5.19 -9.18 9.11
N HIS B 204 4.61 -9.74 10.18
CA HIS B 204 4.85 -9.23 11.52
C HIS B 204 6.14 -9.78 12.10
N VAL B 205 6.78 -8.99 12.95
CA VAL B 205 7.82 -9.52 13.81
C VAL B 205 7.13 -10.14 15.02
N ALA B 206 7.33 -11.43 15.21
CA ALA B 206 6.60 -12.15 16.25
C ALA B 206 7.52 -13.01 17.11
N VAL B 207 6.97 -13.52 18.21
CA VAL B 207 7.72 -14.40 19.11
C VAL B 207 7.23 -15.83 18.96
N ILE B 208 8.17 -16.77 18.87
CA ILE B 208 7.86 -18.16 18.58
C ILE B 208 7.43 -18.92 19.84
N SER B 209 6.45 -19.81 19.67
CA SER B 209 5.95 -20.62 20.78
C SER B 209 6.83 -21.85 21.01
N GLU B 210 6.63 -22.51 22.14
CA GLU B 210 7.40 -23.70 22.48
C GLU B 210 7.13 -24.85 21.51
N THR B 211 5.88 -24.97 21.09
CA THR B 211 5.50 -25.98 20.11
C THR B 211 6.15 -25.70 18.77
N GLY B 212 6.26 -24.41 18.43
CA GLY B 212 6.89 -24.00 17.20
C GLY B 212 8.39 -24.20 17.19
N LYS B 213 9.01 -24.01 18.36
CA LYS B 213 10.45 -24.16 18.48
C LYS B 213 10.88 -25.61 18.27
N ALA B 214 10.13 -26.53 18.86
CA ALA B 214 10.44 -27.95 18.75
C ALA B 214 10.07 -28.48 17.36
N LYS B 215 9.09 -27.85 16.73
CA LYS B 215 8.61 -28.30 15.43
C LYS B 215 9.65 -28.09 14.33
N TYR B 216 10.27 -26.91 14.32
CA TYR B 216 11.21 -26.56 13.27
C TYR B 216 12.67 -26.62 13.74
N LYS B 217 12.90 -27.31 14.85
CA LYS B 217 14.26 -27.45 15.37
C LYS B 217 15.10 -28.32 14.45
N ALA B 218 16.38 -27.97 14.30
CA ALA B 218 17.29 -28.70 13.42
C ALA B 218 17.84 -29.95 14.12
N GLY C 7 -0.83 -14.07 -20.04
CA GLY C 7 -0.57 -12.81 -19.38
C GLY C 7 -1.23 -11.65 -20.09
N VAL C 8 -0.98 -10.44 -19.60
CA VAL C 8 -1.52 -9.24 -20.23
C VAL C 8 -0.76 -8.94 -21.51
N VAL C 9 -1.44 -9.05 -22.64
CA VAL C 9 -0.80 -8.85 -23.94
C VAL C 9 -0.71 -7.37 -24.30
N ILE C 10 0.52 -6.86 -24.38
CA ILE C 10 0.77 -5.50 -24.84
C ILE C 10 1.16 -5.55 -26.32
N SER C 11 0.25 -5.10 -27.18
CA SER C 11 0.44 -5.21 -28.62
C SER C 11 1.57 -4.33 -29.14
N ASP C 12 1.99 -4.60 -30.37
CA ASP C 12 3.12 -3.90 -30.98
C ASP C 12 2.86 -2.40 -31.17
N ASP C 13 1.62 -2.03 -31.42
CA ASP C 13 1.28 -0.64 -31.71
C ASP C 13 0.93 0.14 -30.44
N GLU C 14 1.21 -0.44 -29.29
CA GLU C 14 0.95 0.21 -28.01
C GLU C 14 1.74 1.51 -27.87
N PRO C 15 1.04 2.64 -27.70
CA PRO C 15 1.69 3.95 -27.57
C PRO C 15 2.35 4.15 -26.21
N GLY C 16 1.80 3.51 -25.18
CA GLY C 16 2.31 3.69 -23.83
C GLY C 16 1.76 4.95 -23.20
N TYR C 17 2.44 5.44 -22.17
CA TYR C 17 2.02 6.67 -21.50
C TYR C 17 3.13 7.71 -21.50
N ASP C 18 2.75 8.98 -21.47
CA ASP C 18 3.73 10.05 -21.36
C ASP C 18 4.27 10.11 -19.94
N LEU C 19 5.57 10.36 -19.81
CA LEU C 19 6.22 10.39 -18.50
C LEU C 19 5.63 11.46 -17.59
N ASP C 20 5.15 12.54 -18.19
CA ASP C 20 4.56 13.65 -17.44
C ASP C 20 3.30 13.27 -16.70
N LEU C 21 2.66 12.19 -17.11
CA LEU C 21 1.38 11.77 -16.53
C LEU C 21 1.55 11.11 -15.17
N PHE C 22 2.77 10.72 -14.83
CA PHE C 22 3.03 10.04 -13.58
C PHE C 22 4.06 10.79 -12.74
N ALA C 23 4.16 10.44 -11.46
CA ALA C 23 5.10 11.09 -10.55
C ALA C 23 6.53 10.66 -10.85
N ILE C 24 6.99 10.97 -12.04
CA ILE C 24 8.33 10.61 -12.49
C ILE C 24 9.13 11.87 -12.77
N PRO C 25 10.40 11.90 -12.31
CA PRO C 25 11.30 13.00 -12.64
C PRO C 25 11.38 13.25 -14.15
N ASN C 26 11.36 14.51 -14.54
CA ASN C 26 11.27 14.87 -15.96
C ASN C 26 12.58 14.69 -16.72
N HIS C 27 13.67 14.45 -16.02
CA HIS C 27 14.97 14.33 -16.68
C HIS C 27 15.10 13.00 -17.43
N TYR C 28 14.21 12.06 -17.13
CA TYR C 28 14.20 10.78 -17.83
C TYR C 28 13.55 10.88 -19.21
N ALA C 29 13.52 12.09 -19.78
CA ALA C 29 12.80 12.32 -21.03
C ALA C 29 13.66 12.04 -22.26
N GLU C 30 14.89 12.55 -22.26
CA GLU C 30 15.81 12.31 -23.37
C GLU C 30 16.14 10.82 -23.45
N ASP C 31 16.56 10.27 -22.31
CA ASP C 31 16.66 8.82 -22.16
C ASP C 31 15.23 8.28 -22.15
N LEU C 32 15.10 6.96 -22.27
CA LEU C 32 13.79 6.30 -22.27
C LEU C 32 12.90 6.83 -23.39
N GLU C 33 11.63 6.45 -23.37
CA GLU C 33 10.69 6.88 -24.41
C GLU C 33 9.30 7.10 -23.82
N ARG C 34 8.65 6.00 -23.45
CA ARG C 34 7.32 6.05 -22.86
C ARG C 34 7.21 5.04 -21.73
N VAL C 35 6.28 5.27 -20.81
CA VAL C 35 5.96 4.26 -19.81
C VAL C 35 5.04 3.22 -20.45
N PHE C 36 5.42 1.96 -20.35
CA PHE C 36 4.63 0.90 -20.96
C PHE C 36 3.81 0.16 -19.93
N ILE C 37 4.39 -0.08 -18.75
CA ILE C 37 3.67 -0.71 -17.67
C ILE C 37 3.81 0.09 -16.38
N PRO C 38 2.78 0.87 -16.03
CA PRO C 38 2.74 1.61 -14.78
C PRO C 38 2.90 0.68 -13.58
N HIS C 39 3.50 1.19 -12.50
CA HIS C 39 3.76 0.38 -11.31
C HIS C 39 2.49 -0.24 -10.76
N GLY C 40 1.41 0.53 -10.75
CA GLY C 40 0.14 0.05 -10.25
C GLY C 40 -0.47 -1.06 -11.09
N LEU C 41 -0.21 -1.01 -12.40
CA LEU C 41 -0.67 -2.04 -13.31
C LEU C 41 0.07 -3.35 -13.02
N ILE C 42 1.34 -3.23 -12.64
CA ILE C 42 2.12 -4.39 -12.26
C ILE C 42 1.53 -5.07 -11.03
N MET C 43 1.20 -4.26 -10.03
CA MET C 43 0.67 -4.76 -8.76
C MET C 43 -0.65 -5.51 -8.93
N ASP C 44 -1.56 -4.92 -9.71
CA ASP C 44 -2.86 -5.54 -9.96
C ASP C 44 -2.71 -6.91 -10.63
N ARG C 45 -1.85 -6.97 -11.65
CA ARG C 45 -1.54 -8.21 -12.32
C ARG C 45 -0.87 -9.20 -11.36
N THR C 46 0.08 -8.68 -10.59
CA THR C 46 0.82 -9.49 -9.62
C THR C 46 -0.08 -10.10 -8.57
N GLU C 47 -1.06 -9.32 -8.10
CA GLU C 47 -2.03 -9.83 -7.13
C GLU C 47 -2.75 -11.06 -7.69
N ARG C 48 -3.13 -10.98 -8.97
CA ARG C 48 -3.80 -12.09 -9.63
C ARG C 48 -2.89 -13.31 -9.73
N LEU C 49 -1.65 -13.07 -10.12
CA LEU C 49 -0.66 -14.14 -10.24
C LEU C 49 -0.44 -14.85 -8.92
N ALA C 50 -0.56 -14.10 -7.83
CA ALA C 50 -0.43 -14.69 -6.49
C ALA C 50 -1.55 -15.69 -6.23
N ARG C 51 -2.74 -15.37 -6.74
CA ARG C 51 -3.88 -16.27 -6.57
C ARG C 51 -3.74 -17.50 -7.47
N ASP C 52 -3.18 -17.30 -8.65
CA ASP C 52 -2.93 -18.38 -9.58
C ASP C 52 -1.87 -19.34 -9.04
N VAL C 53 -0.77 -18.75 -8.55
CA VAL C 53 0.32 -19.53 -7.97
C VAL C 53 -0.17 -20.36 -6.78
N MET C 54 -0.93 -19.72 -5.90
CA MET C 54 -1.42 -20.37 -4.70
C MET C 54 -2.45 -21.45 -5.01
N LYS C 55 -3.02 -21.41 -6.22
CA LYS C 55 -4.00 -22.40 -6.63
C LYS C 55 -3.31 -23.64 -7.20
N GLU C 56 -2.22 -23.43 -7.93
CA GLU C 56 -1.52 -24.53 -8.58
C GLU C 56 -0.45 -25.15 -7.67
N MET C 57 0.17 -24.34 -6.83
CA MET C 57 1.31 -24.80 -6.04
C MET C 57 1.05 -24.74 -4.53
N GLY C 58 -0.21 -24.55 -4.15
CA GLY C 58 -0.55 -24.38 -2.75
C GLY C 58 -0.63 -25.66 -1.94
N GLY C 59 -0.54 -26.80 -2.63
CA GLY C 59 -0.71 -28.09 -1.98
C GLY C 59 0.56 -28.64 -1.35
N HIS C 60 1.67 -27.92 -1.47
CA HIS C 60 2.94 -28.39 -0.93
C HIS C 60 3.84 -27.21 -0.56
N HIS C 61 4.77 -27.46 0.36
CA HIS C 61 5.75 -26.46 0.78
C HIS C 61 6.44 -25.82 -0.43
N ILE C 62 6.32 -24.50 -0.53
CA ILE C 62 6.93 -23.79 -1.64
C ILE C 62 8.30 -23.22 -1.27
N VAL C 63 9.27 -23.42 -2.15
CA VAL C 63 10.54 -22.72 -2.05
C VAL C 63 10.58 -21.64 -3.13
N ALA C 64 10.48 -20.38 -2.71
CA ALA C 64 10.50 -19.26 -3.65
C ALA C 64 11.94 -18.91 -4.01
N LEU C 65 12.25 -19.00 -5.30
CA LEU C 65 13.61 -18.75 -5.78
C LEU C 65 13.68 -17.43 -6.54
N CYS C 66 14.34 -16.44 -5.93
CA CYS C 66 14.47 -15.13 -6.55
C CYS C 66 15.72 -15.04 -7.43
N VAL C 67 15.52 -14.63 -8.67
CA VAL C 67 16.63 -14.48 -9.61
C VAL C 67 17.14 -13.05 -9.63
N LEU C 68 18.18 -12.80 -8.85
CA LEU C 68 18.80 -11.47 -8.75
C LEU C 68 19.53 -11.11 -10.05
N LYS C 69 19.69 -9.82 -10.32
CA LYS C 69 19.15 -8.73 -9.51
C LYS C 69 17.79 -8.28 -10.03
N GLY C 70 17.56 -8.49 -11.32
CA GLY C 70 16.40 -7.95 -12.00
C GLY C 70 15.04 -8.36 -11.45
N GLY C 71 15.00 -9.47 -10.72
CA GLY C 71 13.73 -10.02 -10.27
C GLY C 71 13.36 -9.74 -8.82
N TYR C 72 14.19 -8.99 -8.10
CA TYR C 72 13.98 -8.85 -6.65
C TYR C 72 12.72 -8.04 -6.30
N LYS C 73 12.37 -7.06 -7.13
CA LYS C 73 11.17 -6.26 -6.85
C LYS C 73 9.91 -7.04 -7.15
N PHE C 74 9.88 -7.74 -8.28
CA PHE C 74 8.75 -8.59 -8.63
C PHE C 74 8.61 -9.71 -7.62
N PHE C 75 9.75 -10.22 -7.17
CA PHE C 75 9.80 -11.27 -6.15
C PHE C 75 9.22 -10.78 -4.82
N ALA C 76 9.64 -9.60 -4.40
CA ALA C 76 9.18 -9.01 -3.15
C ALA C 76 7.67 -8.76 -3.17
N ASP C 77 7.20 -8.17 -4.27
CA ASP C 77 5.78 -7.81 -4.39
C ASP C 77 4.89 -9.03 -4.54
N LEU C 78 5.32 -10.00 -5.34
CA LEU C 78 4.55 -11.23 -5.53
C LEU C 78 4.39 -11.99 -4.23
N LEU C 79 5.43 -11.96 -3.40
CA LEU C 79 5.40 -12.69 -2.13
C LEU C 79 4.56 -11.99 -1.07
N ASP C 80 4.47 -10.67 -1.15
CA ASP C 80 3.59 -9.94 -0.24
C ASP C 80 2.14 -10.31 -0.49
N TYR C 81 1.78 -10.41 -1.76
CA TYR C 81 0.42 -10.76 -2.15
C TYR C 81 0.08 -12.21 -1.80
N ILE C 82 1.06 -13.10 -1.93
CA ILE C 82 0.89 -14.48 -1.52
C ILE C 82 0.64 -14.54 -0.02
N LYS C 83 1.48 -13.82 0.73
CA LYS C 83 1.36 -13.76 2.18
C LYS C 83 0.03 -13.18 2.62
N ALA C 84 -0.47 -12.20 1.88
CA ALA C 84 -1.77 -11.60 2.17
C ALA C 84 -2.88 -12.62 1.99
N LEU C 85 -2.74 -13.47 0.99
CA LEU C 85 -3.68 -14.56 0.75
C LEU C 85 -3.62 -15.58 1.88
N ASN C 86 -2.40 -15.89 2.32
CA ASN C 86 -2.19 -16.94 3.30
C ASN C 86 -2.71 -16.59 4.70
N ARG C 87 -2.86 -15.29 4.97
CA ARG C 87 -3.31 -14.86 6.28
C ARG C 87 -4.75 -14.35 6.27
N ASN C 88 -5.45 -14.58 5.17
CA ASN C 88 -6.83 -14.11 5.04
C ASN C 88 -7.76 -15.14 4.42
N SER C 89 -7.35 -16.39 4.43
CA SER C 89 -8.18 -17.48 3.90
C SER C 89 -7.94 -18.78 4.65
N ASP C 90 -8.64 -19.83 4.23
CA ASP C 90 -8.54 -21.13 4.88
C ASP C 90 -7.34 -21.93 4.39
N ARG C 91 -7.06 -21.83 3.09
CA ARG C 91 -5.96 -22.57 2.49
C ARG C 91 -4.66 -21.77 2.52
N SER C 92 -3.63 -22.35 3.12
CA SER C 92 -2.31 -21.72 3.18
C SER C 92 -1.20 -22.77 3.19
N ILE C 93 0.00 -22.36 2.82
CA ILE C 93 1.15 -23.25 2.83
C ILE C 93 2.40 -22.48 3.26
N PRO C 94 3.31 -23.16 3.97
CA PRO C 94 4.59 -22.55 4.32
C PRO C 94 5.46 -22.22 3.10
N MET C 95 6.23 -21.15 3.19
CA MET C 95 7.17 -20.79 2.15
C MET C 95 8.55 -20.49 2.71
N THR C 96 9.59 -20.95 2.01
CA THR C 96 10.95 -20.52 2.29
C THR C 96 11.48 -19.76 1.09
N VAL C 97 12.49 -18.92 1.30
CA VAL C 97 13.01 -18.11 0.21
C VAL C 97 14.51 -18.35 -0.02
N ASP C 98 14.93 -18.12 -1.26
CA ASP C 98 16.34 -18.20 -1.61
C ASP C 98 16.62 -17.27 -2.78
N PHE C 99 17.87 -16.85 -2.92
CA PHE C 99 18.26 -15.90 -3.96
C PHE C 99 19.43 -16.42 -4.77
N ILE C 100 19.35 -16.31 -6.10
CA ILE C 100 20.45 -16.72 -6.97
C ILE C 100 20.71 -15.71 -8.08
N ARG C 101 21.92 -15.78 -8.65
CA ARG C 101 22.28 -15.00 -9.81
C ARG C 101 22.92 -15.95 -10.82
N LEU C 102 22.86 -15.64 -12.11
CA LEU C 102 23.37 -16.56 -13.11
C LEU C 102 24.69 -16.12 -13.75
N LYS C 103 25.19 -16.94 -14.68
CA LYS C 103 26.54 -16.81 -15.21
C LYS C 103 26.73 -15.65 -16.18
N SER C 104 27.79 -15.74 -16.99
CA SER C 104 28.17 -14.67 -17.90
C SER C 104 28.42 -15.18 -19.31
N TYR C 105 29.42 -14.59 -19.97
CA TYR C 105 29.75 -14.88 -21.37
C TYR C 105 28.54 -14.70 -22.28
N SER C 123 20.44 -28.04 -3.24
CA SER C 123 19.75 -29.27 -2.82
C SER C 123 18.59 -29.05 -1.85
N THR C 124 18.34 -27.79 -1.49
CA THR C 124 17.23 -27.42 -0.61
C THR C 124 15.99 -27.26 -1.48
N LEU C 125 15.92 -28.07 -2.51
CA LEU C 125 14.82 -28.04 -3.47
C LEU C 125 14.27 -29.45 -3.66
N THR C 126 14.95 -30.44 -3.09
CA THR C 126 14.58 -31.83 -3.25
C THR C 126 13.22 -32.15 -2.63
N GLY C 127 12.31 -32.64 -3.47
CA GLY C 127 10.96 -32.98 -3.03
C GLY C 127 10.14 -31.76 -2.70
N LYS C 128 10.60 -30.60 -3.14
CA LYS C 128 9.95 -29.34 -2.83
C LYS C 128 9.22 -28.77 -4.04
N ASN C 129 8.21 -27.95 -3.79
CA ASN C 129 7.59 -27.17 -4.85
C ASN C 129 8.38 -25.90 -5.09
N VAL C 130 9.16 -25.90 -6.17
CA VAL C 130 10.05 -24.77 -6.44
C VAL C 130 9.40 -23.75 -7.37
N LEU C 131 9.29 -22.52 -6.91
CA LEU C 131 8.80 -21.43 -7.74
C LEU C 131 9.95 -20.49 -8.09
N ILE C 132 10.33 -20.49 -9.36
CA ILE C 132 11.38 -19.60 -9.84
C ILE C 132 10.79 -18.27 -10.30
N VAL C 133 11.30 -17.19 -9.72
CA VAL C 133 10.77 -15.85 -10.00
C VAL C 133 11.76 -15.04 -10.83
N GLU C 134 11.38 -14.76 -12.07
CA GLU C 134 12.25 -14.05 -13.01
C GLU C 134 11.66 -12.71 -13.44
N ASP C 135 12.53 -11.77 -13.80
CA ASP C 135 12.08 -10.47 -14.28
C ASP C 135 11.53 -10.55 -15.70
N ILE C 136 12.29 -11.16 -16.61
CA ILE C 136 11.92 -11.18 -18.01
C ILE C 136 12.46 -12.42 -18.73
N ILE C 137 11.69 -12.91 -19.69
CA ILE C 137 12.13 -14.00 -20.55
C ILE C 137 12.21 -13.54 -22.00
N ASP C 138 13.42 -13.54 -22.55
CA ASP C 138 13.64 -13.10 -23.92
C ASP C 138 13.72 -14.31 -24.85
N THR C 139 14.94 -14.78 -25.10
CA THR C 139 15.14 -15.98 -25.91
C THR C 139 14.59 -17.20 -25.19
N GLY C 140 14.76 -17.22 -23.87
CA GLY C 140 14.17 -18.25 -23.03
C GLY C 140 15.10 -19.37 -22.61
N LYS C 141 16.35 -19.35 -23.10
CA LYS C 141 17.28 -20.42 -22.79
C LYS C 141 18.02 -20.20 -21.46
N THR C 142 17.86 -19.01 -20.87
CA THR C 142 18.37 -18.78 -19.53
C THR C 142 17.60 -19.66 -18.55
N MET C 143 16.28 -19.69 -18.73
CA MET C 143 15.40 -20.47 -17.86
C MET C 143 15.55 -21.96 -18.12
N GLN C 144 15.66 -22.34 -19.39
CA GLN C 144 15.82 -23.74 -19.77
C GLN C 144 17.09 -24.33 -19.14
N THR C 145 18.16 -23.54 -19.15
CA THR C 145 19.40 -23.95 -18.52
C THR C 145 19.22 -24.07 -17.01
N LEU C 146 18.53 -23.10 -16.43
CA LEU C 146 18.24 -23.12 -15.00
C LEU C 146 17.32 -24.29 -14.65
N LEU C 147 16.29 -24.49 -15.48
CA LEU C 147 15.33 -25.57 -15.27
C LEU C 147 15.97 -26.95 -15.34
N SER C 148 17.04 -27.07 -16.12
CA SER C 148 17.72 -28.35 -16.26
C SER C 148 18.67 -28.61 -15.09
N LEU C 149 19.20 -27.55 -14.50
CA LEU C 149 20.04 -27.70 -13.31
C LEU C 149 19.18 -28.11 -12.13
N VAL C 150 18.06 -27.43 -11.94
CA VAL C 150 17.02 -27.92 -11.05
C VAL C 150 16.43 -29.14 -11.74
N ARG C 151 15.56 -29.88 -11.05
CA ARG C 151 15.02 -31.16 -11.54
C ARG C 151 16.09 -32.26 -11.60
N GLN C 152 17.37 -31.86 -11.53
CA GLN C 152 18.45 -32.81 -11.32
C GLN C 152 18.40 -33.28 -9.88
N TYR C 153 18.02 -32.37 -8.99
CA TYR C 153 17.94 -32.67 -7.56
C TYR C 153 16.53 -33.06 -7.19
N ASN C 154 15.76 -33.44 -8.21
CA ASN C 154 14.44 -34.06 -8.07
C ASN C 154 13.47 -33.43 -7.07
N PRO C 155 12.93 -32.26 -7.41
CA PRO C 155 11.84 -31.64 -6.64
C PRO C 155 10.49 -32.24 -7.03
N LYS C 156 9.44 -31.91 -6.29
CA LYS C 156 8.10 -32.37 -6.64
C LYS C 156 7.65 -31.68 -7.92
N MET C 157 7.79 -30.36 -7.94
CA MET C 157 7.49 -29.59 -9.15
C MET C 157 8.35 -28.33 -9.21
N VAL C 158 8.65 -27.91 -10.42
CA VAL C 158 9.25 -26.59 -10.64
C VAL C 158 8.37 -25.79 -11.58
N LYS C 159 8.00 -24.60 -11.14
CA LYS C 159 7.25 -23.70 -12.00
C LYS C 159 7.93 -22.35 -12.03
N VAL C 160 7.76 -21.62 -13.13
CA VAL C 160 8.42 -20.34 -13.29
C VAL C 160 7.42 -19.20 -13.43
N ALA C 161 7.59 -18.18 -12.60
CA ALA C 161 6.82 -16.96 -12.71
C ALA C 161 7.70 -15.85 -13.24
N SER C 162 7.38 -15.34 -14.41
CA SER C 162 8.13 -14.23 -15.01
C SER C 162 7.23 -13.02 -15.16
N LEU C 163 7.74 -11.86 -14.75
CA LEU C 163 6.98 -10.62 -14.88
C LEU C 163 6.71 -10.31 -16.34
N LEU C 164 7.74 -10.46 -17.17
CA LEU C 164 7.63 -10.13 -18.58
C LEU C 164 8.02 -11.28 -19.49
N VAL C 165 7.39 -11.33 -20.66
CA VAL C 165 7.80 -12.20 -21.75
C VAL C 165 7.77 -11.39 -23.04
N LYS C 166 8.88 -11.41 -23.78
CA LYS C 166 8.95 -10.69 -25.03
C LYS C 166 8.44 -11.52 -26.21
N ARG C 167 7.78 -10.86 -27.14
CA ARG C 167 7.49 -11.47 -28.43
C ARG C 167 8.67 -11.20 -29.37
N THR C 168 9.52 -12.20 -29.53
CA THR C 168 10.73 -12.03 -30.33
C THR C 168 10.97 -13.25 -31.23
N PRO C 169 11.50 -13.01 -32.43
CA PRO C 169 11.85 -14.10 -33.35
C PRO C 169 13.11 -14.85 -32.94
N ARG C 170 13.67 -14.49 -31.78
CA ARG C 170 14.87 -15.14 -31.27
C ARG C 170 14.53 -16.14 -30.15
N SER C 171 13.23 -16.29 -29.88
CA SER C 171 12.76 -17.18 -28.82
C SER C 171 12.98 -18.65 -29.17
N VAL C 172 13.39 -19.43 -28.17
CA VAL C 172 13.62 -20.85 -28.37
C VAL C 172 12.32 -21.64 -28.23
N GLY C 173 11.27 -20.97 -27.76
CA GLY C 173 9.97 -21.59 -27.67
C GLY C 173 9.52 -21.88 -26.25
N TYR C 174 10.37 -21.59 -25.27
CA TYR C 174 10.00 -21.80 -23.88
C TYR C 174 8.93 -20.80 -23.44
N LYS C 175 8.01 -21.26 -22.61
CA LYS C 175 6.97 -20.40 -22.05
C LYS C 175 6.78 -20.71 -20.57
N PRO C 176 6.88 -19.68 -19.72
CA PRO C 176 6.75 -19.86 -18.28
C PRO C 176 5.33 -20.20 -17.85
N ASP C 177 5.18 -20.73 -16.64
CA ASP C 177 3.88 -21.15 -16.13
C ASP C 177 3.05 -19.96 -15.66
N PHE C 178 3.72 -18.89 -15.27
CA PHE C 178 3.04 -17.67 -14.84
C PHE C 178 3.66 -16.46 -15.53
N VAL C 179 2.83 -15.72 -16.26
CA VAL C 179 3.27 -14.55 -17.00
C VAL C 179 2.51 -13.31 -16.58
N GLY C 180 3.23 -12.24 -16.26
CA GLY C 180 2.61 -10.98 -15.95
C GLY C 180 2.15 -10.29 -17.23
N PHE C 181 3.12 -9.87 -18.04
CA PHE C 181 2.84 -9.14 -19.27
C PHE C 181 3.62 -9.70 -20.46
N GLU C 182 2.98 -9.79 -21.60
CA GLU C 182 3.66 -10.16 -22.84
C GLU C 182 3.91 -8.92 -23.68
N ILE C 183 5.18 -8.51 -23.75
CA ILE C 183 5.55 -7.22 -24.32
C ILE C 183 6.15 -7.33 -25.72
N PRO C 184 6.14 -6.22 -26.48
CA PRO C 184 6.81 -6.19 -27.79
C PRO C 184 8.33 -6.38 -27.69
N ASP C 185 8.97 -6.62 -28.84
CA ASP C 185 10.41 -6.77 -28.89
C ASP C 185 11.11 -5.41 -28.82
N LYS C 186 10.98 -4.76 -27.66
CA LYS C 186 11.70 -3.52 -27.39
C LYS C 186 12.35 -3.63 -26.01
N PHE C 187 13.54 -3.07 -25.86
CA PHE C 187 14.27 -3.18 -24.60
C PHE C 187 13.62 -2.31 -23.51
N VAL C 188 13.24 -2.95 -22.42
CA VAL C 188 12.57 -2.25 -21.33
C VAL C 188 13.45 -2.12 -20.09
N VAL C 189 13.16 -1.12 -19.27
CA VAL C 189 13.88 -0.90 -18.02
C VAL C 189 12.92 -0.48 -16.92
N GLY C 190 13.43 -0.41 -15.69
CA GLY C 190 12.60 -0.02 -14.56
C GLY C 190 12.09 -1.23 -13.78
N TYR C 191 11.57 -0.98 -12.59
CA TYR C 191 11.10 -2.04 -11.70
C TYR C 191 12.16 -3.13 -11.57
N ALA C 192 13.37 -2.70 -11.19
CA ALA C 192 14.54 -3.55 -10.99
C ALA C 192 15.16 -4.07 -12.29
N LEU C 193 14.50 -3.83 -13.42
CA LEU C 193 15.09 -4.21 -14.72
C LEU C 193 16.04 -3.13 -15.20
N ASP C 194 17.13 -3.56 -15.83
CA ASP C 194 18.23 -2.66 -16.15
C ASP C 194 18.66 -2.66 -17.61
N TYR C 195 19.28 -1.57 -18.02
CA TYR C 195 20.09 -1.53 -19.23
C TYR C 195 21.51 -1.18 -18.84
N ASN C 196 22.40 -2.16 -18.88
CA ASN C 196 23.80 -1.96 -18.49
C ASN C 196 23.90 -1.46 -17.05
N GLU C 197 23.14 -2.09 -16.15
CA GLU C 197 23.07 -1.77 -14.73
C GLU C 197 22.48 -0.39 -14.42
N TYR C 198 21.80 0.21 -15.41
CA TYR C 198 21.15 1.50 -15.20
C TYR C 198 19.64 1.35 -15.10
N PHE C 199 18.99 2.37 -14.54
CA PHE C 199 17.53 2.50 -14.50
C PHE C 199 16.79 1.42 -13.68
N ARG C 200 17.46 0.84 -12.69
CA ARG C 200 16.80 -0.16 -11.84
C ARG C 200 15.86 0.47 -10.82
N ASP C 201 16.17 1.69 -10.40
CA ASP C 201 15.41 2.34 -9.33
C ASP C 201 14.17 3.06 -9.86
N LEU C 202 13.96 2.98 -11.17
CA LEU C 202 12.72 3.47 -11.77
C LEU C 202 11.58 2.55 -11.35
N ASN C 203 10.45 3.13 -10.94
CA ASN C 203 9.36 2.34 -10.40
C ASN C 203 8.40 1.82 -11.47
N HIS C 204 8.57 2.30 -12.69
CA HIS C 204 7.72 1.88 -13.80
C HIS C 204 8.53 1.18 -14.87
N VAL C 205 7.89 0.32 -15.64
CA VAL C 205 8.53 -0.32 -16.78
C VAL C 205 8.41 0.56 -18.01
N ALA C 206 9.55 0.95 -18.58
CA ALA C 206 9.56 1.87 -19.71
C ALA C 206 10.52 1.40 -20.81
N VAL C 207 10.29 1.90 -22.02
CA VAL C 207 11.17 1.60 -23.15
C VAL C 207 12.30 2.62 -23.21
N ILE C 208 13.53 2.14 -23.34
CA ILE C 208 14.68 3.03 -23.47
C ILE C 208 14.89 3.42 -24.93
N SER C 209 15.18 4.70 -25.16
CA SER C 209 15.38 5.20 -26.51
C SER C 209 16.72 4.74 -27.08
N GLU C 210 16.86 4.87 -28.39
CA GLU C 210 18.10 4.52 -29.07
C GLU C 210 19.24 5.40 -28.59
N THR C 211 18.95 6.68 -28.39
CA THR C 211 19.93 7.61 -27.85
C THR C 211 20.30 7.21 -26.43
N GLY C 212 19.32 6.76 -25.67
CA GLY C 212 19.54 6.30 -24.31
C GLY C 212 20.45 5.09 -24.28
N LYS C 213 20.22 4.16 -25.21
CA LYS C 213 21.04 2.96 -25.31
C LYS C 213 22.50 3.30 -25.57
N ALA C 214 22.74 4.21 -26.51
CA ALA C 214 24.09 4.62 -26.85
C ALA C 214 24.73 5.41 -25.72
N LYS C 215 23.91 6.14 -24.97
CA LYS C 215 24.38 6.96 -23.87
C LYS C 215 24.93 6.12 -22.72
N TYR C 216 24.21 5.06 -22.38
CA TYR C 216 24.58 4.23 -21.24
C TYR C 216 25.25 2.93 -21.69
N LYS C 217 25.59 2.85 -22.97
CA LYS C 217 26.30 1.68 -23.50
C LYS C 217 27.68 1.57 -22.88
N ALA C 218 28.03 0.36 -22.45
CA ALA C 218 29.33 0.13 -21.82
C ALA C 218 30.47 0.36 -22.80
N SER D 5 -14.20 -9.78 22.48
CA SER D 5 -12.91 -9.21 22.82
C SER D 5 -12.96 -7.69 22.77
N PRO D 6 -12.24 -7.02 23.68
CA PRO D 6 -12.19 -5.56 23.73
C PRO D 6 -11.19 -4.96 22.74
N GLY D 7 -10.71 -5.77 21.80
CA GLY D 7 -9.73 -5.31 20.82
C GLY D 7 -8.37 -5.10 21.45
N VAL D 8 -7.46 -4.49 20.69
CA VAL D 8 -6.12 -4.20 21.20
C VAL D 8 -6.20 -3.22 22.37
N VAL D 9 -6.00 -3.74 23.57
CA VAL D 9 -6.09 -2.93 24.78
C VAL D 9 -4.84 -2.07 24.95
N ILE D 10 -5.04 -0.75 25.03
CA ILE D 10 -3.95 0.18 25.28
C ILE D 10 -4.01 0.68 26.71
N SER D 11 -2.99 0.33 27.50
CA SER D 11 -2.96 0.63 28.91
C SER D 11 -2.97 2.12 29.20
N ASP D 12 -3.47 2.48 30.38
CA ASP D 12 -3.47 3.87 30.82
C ASP D 12 -2.03 4.35 31.04
N ASP D 13 -1.11 3.41 31.24
CA ASP D 13 0.27 3.78 31.55
C ASP D 13 1.04 4.21 30.30
N GLU D 14 0.43 4.02 29.14
CA GLU D 14 1.12 4.18 27.86
C GLU D 14 1.75 5.57 27.67
N PRO D 15 3.08 5.60 27.51
CA PRO D 15 3.81 6.85 27.29
C PRO D 15 3.67 7.34 25.86
N GLY D 16 3.26 6.43 24.97
CA GLY D 16 3.15 6.75 23.55
C GLY D 16 4.51 6.74 22.89
N TYR D 17 4.61 7.40 21.75
CA TYR D 17 5.87 7.47 21.00
C TYR D 17 6.31 8.90 20.79
N ASP D 18 7.62 9.13 20.84
CA ASP D 18 8.18 10.45 20.53
C ASP D 18 7.95 10.78 19.07
N LEU D 19 7.69 12.05 18.79
CA LEU D 19 7.36 12.49 17.43
C LEU D 19 8.54 12.37 16.47
N ASP D 20 9.76 12.43 17.01
CA ASP D 20 10.96 12.35 16.18
C ASP D 20 11.18 10.95 15.63
N LEU D 21 10.54 9.96 16.25
CA LEU D 21 10.69 8.57 15.84
C LEU D 21 9.87 8.24 14.60
N PHE D 22 8.92 9.12 14.27
CA PHE D 22 8.04 8.87 13.14
C PHE D 22 7.97 10.05 12.18
N ALA D 23 7.24 9.86 11.09
CA ALA D 23 7.02 10.92 10.10
C ALA D 23 5.71 11.64 10.39
N ILE D 24 5.80 12.89 10.81
CA ILE D 24 4.62 13.69 11.09
C ILE D 24 4.65 15.00 10.27
N PRO D 25 3.48 15.45 9.82
CA PRO D 25 3.36 16.72 9.09
C PRO D 25 3.93 17.88 9.88
N ASN D 26 4.79 18.67 9.25
CA ASN D 26 5.53 19.72 9.94
C ASN D 26 4.65 20.83 10.52
N HIS D 27 3.47 21.01 9.95
CA HIS D 27 2.57 22.04 10.45
C HIS D 27 1.87 21.59 11.73
N TYR D 28 2.23 20.41 12.21
CA TYR D 28 1.74 19.87 13.48
C TYR D 28 2.88 19.56 14.43
N ALA D 29 4.08 19.98 14.06
CA ALA D 29 5.30 19.63 14.79
C ALA D 29 5.27 20.07 16.27
N GLU D 30 4.59 21.18 16.53
CA GLU D 30 4.49 21.72 17.88
C GLU D 30 3.09 21.52 18.45
N ASP D 31 2.16 21.10 17.60
CA ASP D 31 0.77 20.95 18.00
C ASP D 31 0.49 19.57 18.59
N LEU D 32 1.40 18.63 18.34
CA LEU D 32 1.29 17.30 18.92
C LEU D 32 2.24 17.15 20.09
N GLU D 33 2.12 16.05 20.82
CA GLU D 33 3.01 15.78 21.94
C GLU D 33 3.62 14.38 21.82
N ARG D 34 2.76 13.39 21.65
CA ARG D 34 3.20 12.00 21.48
C ARG D 34 2.35 11.28 20.43
N VAL D 35 2.98 10.40 19.67
CA VAL D 35 2.24 9.51 18.78
C VAL D 35 1.65 8.38 19.62
N PHE D 36 0.34 8.20 19.52
CA PHE D 36 -0.36 7.25 20.39
C PHE D 36 -0.56 5.91 19.70
N ILE D 37 -1.17 5.93 18.52
CA ILE D 37 -1.36 4.73 17.73
C ILE D 37 -0.86 4.95 16.31
N PRO D 38 0.31 4.38 15.98
CA PRO D 38 0.89 4.49 14.64
C PRO D 38 -0.09 4.05 13.56
N HIS D 39 -0.10 4.77 12.44
CA HIS D 39 -1.02 4.50 11.33
C HIS D 39 -0.93 3.05 10.86
N GLY D 40 0.30 2.54 10.77
CA GLY D 40 0.52 1.19 10.31
C GLY D 40 -0.05 0.14 11.25
N LEU D 41 -0.09 0.46 12.54
CA LEU D 41 -0.70 -0.43 13.52
C LEU D 41 -2.21 -0.43 13.35
N ILE D 42 -2.76 0.72 12.99
CA ILE D 42 -4.19 0.85 12.72
C ILE D 42 -4.60 -0.04 11.55
N MET D 43 -3.79 -0.01 10.49
CA MET D 43 -4.04 -0.81 9.30
C MET D 43 -4.07 -2.31 9.62
N ASP D 44 -3.05 -2.78 10.33
CA ASP D 44 -2.93 -4.20 10.67
C ASP D 44 -4.13 -4.70 11.48
N ARG D 45 -4.61 -3.87 12.40
CA ARG D 45 -5.77 -4.22 13.20
C ARG D 45 -7.04 -4.18 12.37
N THR D 46 -7.08 -3.26 11.41
CA THR D 46 -8.24 -3.09 10.53
C THR D 46 -8.36 -4.26 9.55
N GLU D 47 -7.21 -4.77 9.11
CA GLU D 47 -7.21 -5.95 8.24
C GLU D 47 -7.87 -7.13 8.95
N ARG D 48 -7.54 -7.30 10.22
CA ARG D 48 -8.12 -8.37 11.03
C ARG D 48 -9.61 -8.15 11.25
N LEU D 49 -9.99 -6.90 11.52
CA LEU D 49 -11.38 -6.55 11.73
C LEU D 49 -12.22 -6.87 10.50
N ALA D 50 -11.62 -6.64 9.33
CA ALA D 50 -12.31 -6.87 8.07
C ALA D 50 -12.74 -8.33 7.90
N ARG D 51 -11.87 -9.25 8.30
CA ARG D 51 -12.21 -10.67 8.19
C ARG D 51 -13.20 -11.06 9.29
N ASP D 52 -13.06 -10.45 10.47
CA ASP D 52 -14.00 -10.67 11.55
C ASP D 52 -15.39 -10.20 11.12
N VAL D 53 -15.45 -9.03 10.51
CA VAL D 53 -16.69 -8.47 10.00
C VAL D 53 -17.27 -9.37 8.90
N MET D 54 -16.41 -9.77 7.97
CA MET D 54 -16.84 -10.59 6.84
C MET D 54 -17.29 -11.99 7.27
N LYS D 55 -16.65 -12.51 8.31
CA LYS D 55 -16.98 -13.84 8.82
C LYS D 55 -18.33 -13.87 9.51
N GLU D 56 -18.80 -12.69 9.93
CA GLU D 56 -20.03 -12.60 10.69
C GLU D 56 -21.18 -12.01 9.87
N MET D 57 -20.85 -11.21 8.87
CA MET D 57 -21.87 -10.49 8.11
C MET D 57 -21.86 -10.83 6.61
N GLY D 58 -20.98 -11.74 6.21
CA GLY D 58 -20.81 -12.07 4.80
C GLY D 58 -21.89 -12.95 4.21
N GLY D 59 -22.83 -13.39 5.06
CA GLY D 59 -23.88 -14.29 4.63
C GLY D 59 -24.96 -13.64 3.78
N HIS D 60 -25.09 -12.32 3.87
CA HIS D 60 -26.12 -11.61 3.12
C HIS D 60 -25.65 -10.20 2.75
N HIS D 61 -26.41 -9.54 1.87
CA HIS D 61 -26.07 -8.22 1.37
C HIS D 61 -25.76 -7.24 2.49
N ILE D 62 -24.59 -6.61 2.39
CA ILE D 62 -24.10 -5.70 3.42
C ILE D 62 -24.27 -4.24 3.02
N VAL D 63 -24.82 -3.44 3.93
CA VAL D 63 -24.84 -1.99 3.75
C VAL D 63 -23.90 -1.33 4.76
N ALA D 64 -22.78 -0.83 4.27
CA ALA D 64 -21.80 -0.17 5.13
C ALA D 64 -22.18 1.29 5.34
N LEU D 65 -22.33 1.67 6.60
CA LEU D 65 -22.79 3.02 6.93
C LEU D 65 -21.67 3.82 7.59
N CYS D 66 -21.17 4.83 6.90
CA CYS D 66 -20.07 5.65 7.41
C CYS D 66 -20.59 6.85 8.20
N VAL D 67 -20.14 6.95 9.45
CA VAL D 67 -20.50 8.09 10.28
C VAL D 67 -19.51 9.23 10.08
N LEU D 68 -19.88 10.18 9.24
CA LEU D 68 -19.05 11.37 8.98
C LEU D 68 -18.96 12.23 10.24
N LYS D 69 -17.88 13.00 10.39
CA LYS D 69 -16.76 13.05 9.45
C LYS D 69 -15.66 12.08 9.84
N GLY D 70 -15.38 12.02 11.14
CA GLY D 70 -14.27 11.25 11.66
C GLY D 70 -14.25 9.79 11.30
N GLY D 71 -15.36 9.28 10.79
CA GLY D 71 -15.42 7.87 10.43
C GLY D 71 -14.84 7.59 9.05
N TYR D 72 -14.48 8.64 8.31
CA TYR D 72 -14.13 8.48 6.90
C TYR D 72 -12.88 7.63 6.66
N LYS D 73 -11.84 7.82 7.45
CA LYS D 73 -10.60 7.05 7.26
C LYS D 73 -10.81 5.57 7.56
N PHE D 74 -11.32 5.29 8.75
CA PHE D 74 -11.61 3.92 9.18
C PHE D 74 -12.49 3.22 8.15
N PHE D 75 -13.50 3.95 7.68
CA PHE D 75 -14.45 3.43 6.70
C PHE D 75 -13.78 3.05 5.38
N ALA D 76 -12.97 3.95 4.85
CA ALA D 76 -12.29 3.72 3.57
C ALA D 76 -11.30 2.57 3.65
N ASP D 77 -10.52 2.53 4.74
CA ASP D 77 -9.52 1.49 4.91
C ASP D 77 -10.15 0.13 5.22
N LEU D 78 -11.20 0.13 6.03
CA LEU D 78 -11.90 -1.10 6.38
C LEU D 78 -12.53 -1.74 5.15
N LEU D 79 -13.16 -0.92 4.32
CA LEU D 79 -13.81 -1.43 3.11
C LEU D 79 -12.80 -1.88 2.07
N ASP D 80 -11.61 -1.27 2.09
CA ASP D 80 -10.52 -1.68 1.21
C ASP D 80 -10.12 -3.12 1.52
N TYR D 81 -9.91 -3.41 2.80
CA TYR D 81 -9.54 -4.75 3.23
C TYR D 81 -10.67 -5.74 2.96
N ILE D 82 -11.90 -5.27 3.14
CA ILE D 82 -13.08 -6.09 2.84
C ILE D 82 -13.12 -6.46 1.36
N LYS D 83 -12.83 -5.49 0.50
CA LYS D 83 -12.81 -5.70 -0.93
C LYS D 83 -11.74 -6.72 -1.35
N ALA D 84 -10.58 -6.67 -0.69
CA ALA D 84 -9.50 -7.60 -0.96
C ALA D 84 -9.93 -9.03 -0.65
N LEU D 85 -10.72 -9.17 0.41
CA LEU D 85 -11.26 -10.47 0.80
C LEU D 85 -12.28 -10.97 -0.22
N ASN D 86 -13.10 -10.06 -0.72
CA ASN D 86 -14.18 -10.42 -1.64
C ASN D 86 -13.67 -10.79 -3.03
N ARG D 87 -12.43 -10.45 -3.34
CA ARG D 87 -11.87 -10.74 -4.66
C ARG D 87 -10.75 -11.76 -4.59
N ASN D 88 -10.58 -12.38 -3.43
CA ASN D 88 -9.55 -13.40 -3.24
C ASN D 88 -10.19 -14.73 -2.87
N SER D 89 -11.51 -14.81 -3.05
CA SER D 89 -12.25 -15.99 -2.62
C SER D 89 -13.11 -16.55 -3.75
N ASP D 90 -13.79 -17.65 -3.47
CA ASP D 90 -14.76 -18.21 -4.39
C ASP D 90 -16.14 -17.67 -4.03
N ARG D 91 -16.31 -17.35 -2.75
CA ARG D 91 -17.56 -16.79 -2.27
C ARG D 91 -17.36 -15.37 -1.76
N SER D 92 -18.27 -14.47 -2.15
CA SER D 92 -18.26 -13.10 -1.68
C SER D 92 -19.68 -12.57 -1.65
N ILE D 93 -19.86 -11.37 -1.10
CA ILE D 93 -21.19 -10.78 -1.00
C ILE D 93 -21.17 -9.35 -1.53
N PRO D 94 -22.24 -8.94 -2.23
CA PRO D 94 -22.34 -7.56 -2.69
C PRO D 94 -22.45 -6.57 -1.54
N MET D 95 -21.89 -5.38 -1.70
CA MET D 95 -21.97 -4.36 -0.67
C MET D 95 -22.37 -3.01 -1.26
N THR D 96 -23.27 -2.32 -0.55
CA THR D 96 -23.61 -0.95 -0.88
C THR D 96 -23.21 -0.03 0.27
N VAL D 97 -22.94 1.24 -0.03
CA VAL D 97 -22.49 2.16 0.99
C VAL D 97 -23.37 3.39 1.09
N ASP D 98 -23.32 4.06 2.24
CA ASP D 98 -24.02 5.31 2.43
C ASP D 98 -23.33 6.10 3.54
N PHE D 99 -23.58 7.40 3.58
CA PHE D 99 -22.88 8.28 4.52
C PHE D 99 -23.87 9.11 5.33
N ILE D 100 -23.71 9.09 6.65
CA ILE D 100 -24.60 9.86 7.52
C ILE D 100 -23.84 10.83 8.41
N ARG D 101 -24.49 11.94 8.74
CA ARG D 101 -23.96 12.89 9.70
C ARG D 101 -24.91 12.96 10.91
N LEU D 102 -24.34 12.90 12.10
CA LEU D 102 -25.15 12.89 13.32
C LEU D 102 -25.06 14.21 14.08
N ASP D 120 -29.55 8.10 2.36
CA ASP D 120 -30.62 7.38 1.69
C ASP D 120 -31.82 7.17 2.60
N ASP D 121 -32.96 6.83 2.00
CA ASP D 121 -34.13 6.44 2.77
C ASP D 121 -33.79 5.17 3.55
N LEU D 122 -33.83 5.27 4.88
CA LEU D 122 -33.34 4.21 5.76
C LEU D 122 -34.10 2.88 5.61
N SER D 123 -35.10 2.86 4.73
CA SER D 123 -35.83 1.64 4.42
C SER D 123 -35.00 0.74 3.50
N THR D 124 -33.87 1.26 3.03
CA THR D 124 -32.94 0.48 2.23
C THR D 124 -32.11 -0.44 3.13
N LEU D 125 -32.22 -0.23 4.43
CA LEU D 125 -31.52 -1.05 5.42
C LEU D 125 -32.35 -2.29 5.78
N THR D 126 -33.62 -2.27 5.42
CA THR D 126 -34.55 -3.34 5.75
C THR D 126 -34.16 -4.65 5.07
N GLY D 127 -33.99 -5.70 5.87
CA GLY D 127 -33.62 -7.01 5.35
C GLY D 127 -32.16 -7.14 5.00
N LYS D 128 -31.37 -6.12 5.35
CA LYS D 128 -29.95 -6.11 5.03
C LYS D 128 -29.07 -6.34 6.24
N ASN D 129 -27.83 -6.75 5.99
CA ASN D 129 -26.81 -6.79 7.03
C ASN D 129 -26.12 -5.43 7.13
N VAL D 130 -26.49 -4.64 8.14
CA VAL D 130 -26.01 -3.28 8.25
C VAL D 130 -24.76 -3.16 9.12
N LEU D 131 -23.71 -2.56 8.56
CA LEU D 131 -22.47 -2.32 9.29
C LEU D 131 -22.26 -0.83 9.52
N ILE D 132 -22.36 -0.40 10.78
CA ILE D 132 -22.11 0.98 11.15
C ILE D 132 -20.64 1.18 11.49
N VAL D 133 -19.99 2.10 10.79
CA VAL D 133 -18.56 2.34 10.97
C VAL D 133 -18.32 3.70 11.64
N GLU D 134 -17.88 3.65 12.90
CA GLU D 134 -17.66 4.85 13.69
C GLU D 134 -16.18 5.03 14.03
N ASP D 135 -15.76 6.27 14.25
CA ASP D 135 -14.37 6.55 14.61
C ASP D 135 -14.07 6.27 16.08
N ILE D 136 -14.90 6.79 16.97
CA ILE D 136 -14.63 6.63 18.40
C ILE D 136 -15.90 6.63 19.25
N ILE D 137 -15.90 5.82 20.30
CA ILE D 137 -17.02 5.74 21.22
C ILE D 137 -16.57 6.14 22.63
N ASP D 138 -17.32 7.04 23.25
CA ASP D 138 -16.98 7.55 24.57
C ASP D 138 -18.05 7.16 25.57
N THR D 139 -19.08 7.99 25.69
CA THR D 139 -20.21 7.68 26.55
C THR D 139 -21.02 6.54 25.98
N GLY D 140 -21.05 6.43 24.65
CA GLY D 140 -21.76 5.36 23.98
C GLY D 140 -23.16 5.75 23.56
N LYS D 141 -23.58 6.96 23.94
CA LYS D 141 -24.93 7.43 23.68
C LYS D 141 -25.18 7.65 22.19
N THR D 142 -24.16 8.14 21.48
CA THR D 142 -24.26 8.39 20.04
C THR D 142 -24.60 7.13 19.27
N MET D 143 -24.01 6.02 19.69
CA MET D 143 -24.19 4.75 19.00
C MET D 143 -25.44 4.01 19.46
N GLN D 144 -25.76 4.13 20.75
CA GLN D 144 -26.96 3.51 21.29
C GLN D 144 -28.21 4.07 20.63
N THR D 145 -28.29 5.39 20.54
CA THR D 145 -29.43 6.06 19.91
C THR D 145 -29.52 5.70 18.43
N LEU D 146 -28.39 5.70 17.75
CA LEU D 146 -28.35 5.36 16.33
C LEU D 146 -28.79 3.91 16.10
N LEU D 147 -28.34 3.03 16.99
CA LEU D 147 -28.72 1.61 16.91
C LEU D 147 -30.23 1.43 17.04
N SER D 148 -30.81 2.05 18.06
CA SER D 148 -32.24 1.96 18.30
C SER D 148 -33.05 2.41 17.08
N LEU D 149 -32.58 3.46 16.42
CA LEU D 149 -33.24 3.99 15.24
C LEU D 149 -33.15 3.03 14.06
N VAL D 150 -31.95 2.50 13.83
CA VAL D 150 -31.71 1.60 12.70
C VAL D 150 -32.50 0.30 12.84
N ARG D 151 -32.60 -0.21 14.07
CA ARG D 151 -33.30 -1.46 14.32
C ARG D 151 -34.79 -1.36 14.03
N GLN D 152 -35.32 -0.15 14.02
CA GLN D 152 -36.74 0.08 13.73
C GLN D 152 -37.06 -0.25 12.28
N TYR D 153 -36.07 -0.09 11.40
CA TYR D 153 -36.25 -0.39 9.98
C TYR D 153 -36.05 -1.88 9.74
N ASN D 154 -35.90 -2.63 10.82
CA ASN D 154 -35.80 -4.08 10.79
C ASN D 154 -34.80 -4.64 9.79
N PRO D 155 -33.51 -4.33 9.98
CA PRO D 155 -32.50 -4.94 9.11
C PRO D 155 -32.36 -6.43 9.42
N LYS D 156 -31.72 -7.18 8.54
CA LYS D 156 -31.48 -8.59 8.82
C LYS D 156 -30.59 -8.70 10.04
N MET D 157 -29.60 -7.81 10.10
CA MET D 157 -28.77 -7.65 11.28
C MET D 157 -28.14 -6.27 11.27
N VAL D 158 -27.70 -5.81 12.44
CA VAL D 158 -26.97 -4.56 12.52
C VAL D 158 -25.81 -4.68 13.50
N LYS D 159 -24.60 -4.43 12.99
CA LYS D 159 -23.41 -4.50 13.82
C LYS D 159 -22.69 -3.16 13.79
N VAL D 160 -21.91 -2.88 14.82
CA VAL D 160 -21.18 -1.63 14.89
C VAL D 160 -19.67 -1.87 14.93
N ALA D 161 -18.96 -1.19 14.04
CA ALA D 161 -17.51 -1.20 14.05
C ALA D 161 -16.99 0.16 14.51
N SER D 162 -16.19 0.15 15.58
CA SER D 162 -15.62 1.40 16.10
C SER D 162 -14.13 1.25 16.32
N LEU D 163 -13.35 2.10 15.67
CA LEU D 163 -11.89 2.06 15.75
C LEU D 163 -11.41 2.22 17.19
N LEU D 164 -11.93 3.22 17.88
CA LEU D 164 -11.51 3.49 19.25
C LEU D 164 -12.68 3.40 20.22
N VAL D 165 -12.41 2.85 21.40
CA VAL D 165 -13.39 2.81 22.48
C VAL D 165 -12.74 3.25 23.78
N LYS D 166 -13.29 4.28 24.40
CA LYS D 166 -12.68 4.86 25.60
C LYS D 166 -13.09 4.15 26.88
N ARG D 167 -12.10 3.88 27.74
CA ARG D 167 -12.38 3.40 29.08
C ARG D 167 -12.76 4.57 29.96
N THR D 168 -14.05 4.92 29.96
CA THR D 168 -14.49 6.09 30.69
C THR D 168 -15.56 5.82 31.73
N PRO D 169 -15.45 6.50 32.87
CA PRO D 169 -16.45 6.59 33.92
C PRO D 169 -17.79 7.08 33.37
N ARG D 170 -17.75 7.90 32.31
CA ARG D 170 -18.96 8.50 31.75
C ARG D 170 -19.57 7.66 30.63
N SER D 171 -19.36 6.34 30.67
CA SER D 171 -19.93 5.45 29.66
C SER D 171 -21.30 4.95 30.10
N VAL D 172 -22.24 4.92 29.16
CA VAL D 172 -23.59 4.46 29.46
C VAL D 172 -23.61 2.93 29.52
N GLY D 173 -22.58 2.30 28.97
CA GLY D 173 -22.42 0.86 29.09
C GLY D 173 -22.51 0.08 27.79
N TYR D 174 -22.46 0.77 26.67
CA TYR D 174 -22.50 0.10 25.37
C TYR D 174 -21.12 -0.33 24.89
N LYS D 175 -21.05 -1.50 24.27
CA LYS D 175 -19.80 -1.98 23.68
C LYS D 175 -20.05 -2.50 22.26
N PRO D 176 -19.26 -2.00 21.31
CA PRO D 176 -19.43 -2.31 19.88
C PRO D 176 -19.23 -3.79 19.56
N ASP D 177 -19.62 -4.19 18.36
CA ASP D 177 -19.44 -5.57 17.93
C ASP D 177 -18.03 -5.78 17.39
N PHE D 178 -17.47 -4.71 16.81
CA PHE D 178 -16.10 -4.73 16.32
C PHE D 178 -15.35 -3.51 16.84
N VAL D 179 -14.23 -3.75 17.52
CA VAL D 179 -13.44 -2.69 18.12
C VAL D 179 -11.97 -2.79 17.73
N GLY D 180 -11.41 -1.68 17.26
CA GLY D 180 -9.99 -1.63 16.95
C GLY D 180 -9.14 -1.55 18.20
N PHE D 181 -9.30 -0.47 18.95
CA PHE D 181 -8.48 -0.24 20.13
C PHE D 181 -9.30 0.25 21.32
N GLU D 182 -9.01 -0.26 22.51
CA GLU D 182 -9.61 0.24 23.74
C GLU D 182 -8.64 1.20 24.41
N ILE D 183 -8.85 2.50 24.19
CA ILE D 183 -7.92 3.52 24.65
C ILE D 183 -8.35 4.11 25.99
N PRO D 184 -7.39 4.69 26.74
CA PRO D 184 -7.71 5.34 28.02
C PRO D 184 -8.53 6.60 27.83
N ASP D 185 -9.00 7.19 28.94
CA ASP D 185 -9.87 8.35 28.88
C ASP D 185 -9.07 9.62 28.62
N LYS D 186 -8.42 9.68 27.47
CA LYS D 186 -7.67 10.86 27.06
C LYS D 186 -8.15 11.32 25.69
N PHE D 187 -7.89 12.58 25.35
CA PHE D 187 -8.33 13.11 24.07
C PHE D 187 -7.27 12.92 23.01
N VAL D 188 -7.62 12.16 21.96
CA VAL D 188 -6.69 11.88 20.88
C VAL D 188 -7.18 12.48 19.57
N VAL D 189 -6.25 12.70 18.64
CA VAL D 189 -6.60 13.19 17.30
C VAL D 189 -5.82 12.41 16.24
N GLY D 190 -6.15 12.66 14.99
CA GLY D 190 -5.48 12.00 13.89
C GLY D 190 -6.29 10.86 13.31
N TYR D 191 -5.92 10.42 12.10
CA TYR D 191 -6.65 9.40 11.38
C TYR D 191 -8.15 9.70 11.38
N ALA D 192 -8.49 10.90 10.90
CA ALA D 192 -9.84 11.41 10.74
C ALA D 192 -10.45 11.97 12.03
N LEU D 193 -9.97 11.53 13.19
CA LEU D 193 -10.42 12.13 14.45
C LEU D 193 -9.87 13.55 14.57
N ASP D 194 -10.72 14.49 14.96
CA ASP D 194 -10.35 15.90 14.89
C ASP D 194 -10.30 16.58 16.24
N TYR D 195 -9.72 17.78 16.23
CA TYR D 195 -9.87 18.75 17.30
C TYR D 195 -10.22 20.08 16.66
N ASN D 196 -11.48 20.49 16.77
CA ASN D 196 -11.99 21.69 16.13
C ASN D 196 -11.67 21.70 14.63
N GLU D 197 -11.97 20.56 13.99
CA GLU D 197 -11.77 20.34 12.54
C GLU D 197 -10.31 20.20 12.12
N TYR D 198 -9.39 20.30 13.08
CA TYR D 198 -7.98 20.12 12.76
C TYR D 198 -7.49 18.72 13.09
N PHE D 199 -6.35 18.35 12.50
CA PHE D 199 -5.68 17.06 12.70
C PHE D 199 -6.32 15.89 11.94
N ARG D 200 -7.23 16.17 11.03
CA ARG D 200 -7.78 15.11 10.18
C ARG D 200 -6.78 14.74 9.10
N ASP D 201 -5.87 15.67 8.81
CA ASP D 201 -4.82 15.44 7.83
C ASP D 201 -3.59 14.83 8.50
N LEU D 202 -3.84 13.98 9.49
CA LEU D 202 -2.79 13.27 10.21
C LEU D 202 -3.08 11.77 10.17
N ASN D 203 -2.10 10.98 9.77
CA ASN D 203 -2.32 9.54 9.61
C ASN D 203 -2.27 8.78 10.94
N HIS D 204 -1.39 9.21 11.84
CA HIS D 204 -1.28 8.57 13.13
C HIS D 204 -2.33 9.09 14.10
N VAL D 205 -2.69 8.28 15.08
CA VAL D 205 -3.47 8.75 16.22
C VAL D 205 -2.48 9.32 17.24
N ALA D 206 -2.67 10.59 17.58
CA ALA D 206 -1.71 11.27 18.44
C ALA D 206 -2.37 12.05 19.57
N VAL D 207 -1.58 12.38 20.57
CA VAL D 207 -2.04 13.24 21.65
C VAL D 207 -1.69 14.69 21.32
N ILE D 208 -2.69 15.56 21.39
CA ILE D 208 -2.49 16.97 21.09
C ILE D 208 -1.75 17.65 22.24
N SER D 209 -0.79 18.51 21.89
CA SER D 209 -0.02 19.24 22.90
C SER D 209 -0.88 20.30 23.56
N GLU D 210 -0.28 21.03 24.50
CA GLU D 210 -0.95 22.19 25.09
C GLU D 210 -0.86 23.36 24.13
N THR D 211 0.26 23.43 23.43
CA THR D 211 0.49 24.47 22.43
C THR D 211 -0.53 24.40 21.30
N GLY D 212 -0.76 23.18 20.80
CA GLY D 212 -1.73 22.96 19.75
C GLY D 212 -3.15 23.01 20.25
N LYS D 213 -3.33 22.77 21.55
CA LYS D 213 -4.65 22.80 22.16
C LYS D 213 -5.19 24.23 22.18
N ALA D 214 -4.29 25.18 22.33
CA ALA D 214 -4.67 26.59 22.36
C ALA D 214 -4.58 27.21 20.97
N LYS D 215 -3.73 26.64 20.13
CA LYS D 215 -3.51 27.16 18.78
C LYS D 215 -4.76 27.05 17.92
N TYR D 216 -5.56 26.01 18.14
CA TYR D 216 -6.76 25.79 17.35
C TYR D 216 -8.02 25.77 18.21
N LYS D 217 -7.91 26.30 19.43
CA LYS D 217 -9.04 26.33 20.35
C LYS D 217 -10.18 27.18 19.81
N ALA D 218 -11.38 26.62 19.81
CA ALA D 218 -12.56 27.34 19.35
C ALA D 218 -13.03 28.33 20.40
MG MG E . -20.26 13.06 -8.62
N12 4X2 F . -22.97 9.57 -14.52
C13 4X2 F . -22.34 8.35 -14.31
C15 4X2 F . -21.65 6.32 -13.42
C17 4X2 F . -20.71 6.96 -15.44
C21 4X2 F . -22.54 10.07 -15.66
O01 4X2 F . -21.41 16.53 -15.59
P02 4X2 F . -22.57 15.69 -15.12
O03 4X2 F . -23.35 15.21 -16.32
O04 4X2 F . -23.47 16.54 -14.24
C05 4X2 F . -21.94 14.25 -14.16
C06 4X2 F . -23.05 13.36 -13.59
O07 4X2 F . -22.52 12.06 -13.37
C08 4X2 F . -23.36 11.20 -12.67
C09 4X2 F . -22.61 10.47 -11.57
O10 4X2 F . -22.93 11.11 -10.32
C11 4X2 F . -23.97 10.17 -13.63
N14 4X2 F . -22.39 7.41 -13.35
N16 4X2 F . -20.82 6.08 -14.45
O18 4X2 F . -19.82 6.70 -16.52
C19 4X2 F . -21.49 8.16 -15.41
N20 4X2 F . -21.64 9.24 -16.22
MG MG G . 21.66 -10.46 8.85
N12 4X2 H . 20.20 -14.04 14.88
C13 4X2 H . 18.83 -14.11 14.75
C15 4X2 H . 16.67 -14.57 14.00
C17 4X2 H . 16.86 -13.30 15.92
C21 4X2 H . 20.48 -13.33 15.97
O01 4X2 H . 25.15 -11.79 16.49
P02 4X2 H . 25.33 -11.03 15.20
O03 4X2 H . 26.44 -11.66 14.39
O04 4X2 H . 25.67 -9.59 15.50
C05 4X2 H . 23.75 -11.09 14.23
C06 4X2 H . 23.34 -12.54 13.87
O07 4X2 H . 22.02 -12.52 13.35
C08 4X2 H . 21.60 -13.74 12.85
C09 4X2 H . 20.43 -13.55 11.89
O10 4X2 H . 20.95 -13.53 10.55
C11 4X2 H . 21.19 -14.67 13.99
N14 4X2 H . 17.98 -14.69 13.86
N16 4X2 H . 16.09 -13.90 15.00
O18 4X2 H . 16.26 -12.58 16.98
C19 4X2 H . 18.29 -13.39 15.82
N20 4X2 H . 19.35 -12.92 16.55
MG MG I . 16.71 -12.28 -15.33
N12 4X2 J . 17.59 -8.91 -20.79
C13 4X2 J . 16.99 -7.74 -20.38
C15 4X2 J . 16.38 -5.83 -19.20
C17 4X2 J . 15.25 -6.23 -21.17
C21 4X2 J . 17.04 -9.28 -21.94
O01 4X2 J . 17.03 -14.13 -23.29
P02 4X2 J . 16.81 -14.95 -22.04
O03 4X2 J . 17.92 -15.97 -21.93
O04 4X2 J . 15.48 -15.68 -22.14
C05 4X2 J . 16.78 -13.86 -20.56
C06 4X2 J . 17.86 -12.76 -20.57
O07 4X2 J . 17.28 -11.57 -20.06
C08 4X2 J . 18.12 -10.79 -19.27
C09 4X2 J . 17.35 -10.25 -18.07
O10 4X2 J . 17.51 -11.15 -16.98
C11 4X2 J . 18.65 -9.62 -20.09
N14 4X2 J . 17.13 -6.91 -19.33
N16 4X2 J . 15.46 -5.48 -20.10
O18 4X2 J . 14.27 -5.86 -22.12
C19 4X2 J . 16.02 -7.42 -21.36
N20 4X2 J . 16.09 -8.40 -22.31
MG MG K . -18.27 9.72 15.54
N12 4X2 L . -15.26 12.52 20.60
C13 4X2 L . -13.96 12.72 20.17
C15 4X2 L . -12.07 13.39 18.99
C17 4X2 L . -11.71 12.05 20.82
C21 4X2 L . -15.21 11.77 21.70
O01 4X2 L . -19.85 7.69 23.24
P02 4X2 L . -20.09 9.10 22.76
O03 4X2 L . -19.59 10.08 23.79
O04 4X2 L . -21.57 9.31 22.54
C05 4X2 L . -19.19 9.37 21.18
C06 4X2 L . -19.23 10.85 20.73
O07 4X2 L . -17.90 11.32 20.73
C08 4X2 L . -17.52 12.04 19.60
C09 4X2 L . -16.95 11.11 18.54
O10 4X2 L . -17.85 11.09 17.42
C11 4X2 L . -16.46 13.09 19.98
N14 4X2 L . -13.38 13.39 19.15
N16 4X2 L . -11.23 12.74 19.79
O18 4X2 L . -10.83 11.36 21.70
C19 4X2 L . -13.13 12.02 21.07
N20 4X2 L . -13.94 11.44 21.99
#